data_1LUA
#
_entry.id   1LUA
#
_cell.length_a   75.9
_cell.length_b   79.86
_cell.length_c   154.29
_cell.angle_alpha   90
_cell.angle_beta   90
_cell.angle_gamma   90
#
_symmetry.space_group_name_H-M   'P 21 21 21'
#
loop_
_entity.id
_entity.type
_entity.pdbx_description
1 polymer 'Methylene Tetrahydromethanopterin Dehydrogenase'
2 non-polymer 'NADP NICOTINAMIDE-ADENINE-DINUCLEOTIDE PHOSPHATE'
3 water water
#
_entity_poly.entity_id   1
_entity_poly.type   'polypeptide(L)'
_entity_poly.pdbx_seq_one_letter_code
;SKKLLFQFDTDATPSVFDVVVGYDGGADHITGYGNVTPDNVGAYVDGTIYTRGGKEKQSTAIFVGGGDMAAGERVFEAVK
KRFFGPFRVSCMLDSNGSNTTAAAGVALVVKAAGGSVKGKKAVVLAGTGPVGMRSAALLAGEGAEVVLCGRKLDKAQAAA
DSVNKRFKVNVTAAETADDASRAEAVKGAHFVFTAGAIGLELLPQAAWQNESSIEIVADYNAQPPLGIGGIDATDKGKEY
GGKRAFGALGIGGLKLKLHRACIAKLFESSEGVFDAEEIYKLAKEMA
;
_entity_poly.pdbx_strand_id   A,B,C
#
loop_
_chem_comp.id
_chem_comp.type
_chem_comp.name
_chem_comp.formula
NAP non-polymer 'NADP NICOTINAMIDE-ADENINE-DINUCLEOTIDE PHOSPHATE' 'C21 H28 N7 O17 P3'
#
# COMPACT_ATOMS: atom_id res chain seq x y z
N SER A 1 10.08 17.41 -7.02
CA SER A 1 9.12 16.28 -7.02
C SER A 1 9.54 15.29 -5.94
N LYS A 2 8.56 14.61 -5.36
CA LYS A 2 8.80 13.60 -4.34
C LYS A 2 9.41 12.38 -5.03
N LYS A 3 10.34 11.72 -4.35
N LYS A 3 10.34 11.71 -4.36
CA LYS A 3 10.99 10.52 -4.88
CA LYS A 3 10.99 10.52 -4.90
C LYS A 3 10.05 9.33 -4.64
C LYS A 3 10.08 9.31 -4.65
N LEU A 4 9.50 8.79 -5.72
CA LEU A 4 8.57 7.66 -5.63
C LEU A 4 9.18 6.37 -6.13
N LEU A 5 9.22 5.37 -5.25
CA LEU A 5 9.75 4.05 -5.61
C LEU A 5 8.58 3.08 -5.79
N PHE A 6 8.52 2.41 -6.94
CA PHE A 6 7.50 1.39 -7.17
C PHE A 6 8.16 0.01 -7.03
N GLN A 7 7.68 -0.75 -6.04
CA GLN A 7 8.18 -2.08 -5.69
C GLN A 7 7.33 -3.18 -6.32
N PHE A 8 7.93 -3.94 -7.23
CA PHE A 8 7.24 -5.04 -7.93
C PHE A 8 7.82 -6.35 -7.36
N ASP A 9 7.01 -7.08 -6.60
CA ASP A 9 7.45 -8.32 -5.94
C ASP A 9 6.70 -9.50 -6.60
N THR A 10 7.43 -10.57 -6.89
CA THR A 10 6.85 -11.73 -7.52
C THR A 10 6.10 -12.62 -6.57
N ASP A 11 6.27 -12.39 -5.27
CA ASP A 11 5.54 -13.21 -4.29
C ASP A 11 4.15 -12.62 -4.10
N ALA A 12 3.32 -13.28 -3.30
CA ALA A 12 1.94 -12.81 -3.10
C ALA A 12 1.80 -11.39 -2.52
N THR A 13 2.75 -10.99 -1.66
CA THR A 13 2.73 -9.66 -1.05
C THR A 13 4.17 -9.14 -1.02
N PRO A 14 4.38 -7.80 -1.04
CA PRO A 14 5.74 -7.24 -1.03
C PRO A 14 6.55 -7.45 0.23
N SER A 15 7.84 -7.73 0.06
CA SER A 15 8.76 -7.94 1.17
C SER A 15 8.87 -6.75 2.13
N VAL A 16 8.65 -6.99 3.42
CA VAL A 16 8.78 -5.93 4.44
C VAL A 16 10.23 -5.42 4.52
N PHE A 17 11.18 -6.34 4.43
CA PHE A 17 12.61 -6.01 4.49
C PHE A 17 12.93 -4.98 3.39
N ASP A 18 12.44 -5.20 2.17
CA ASP A 18 12.74 -4.26 1.08
C ASP A 18 12.12 -2.87 1.27
N VAL A 19 11.00 -2.81 1.98
CA VAL A 19 10.34 -1.53 2.25
C VAL A 19 11.19 -0.68 3.20
N VAL A 20 11.63 -1.25 4.31
CA VAL A 20 12.43 -0.49 5.27
C VAL A 20 13.72 0.04 4.61
N VAL A 21 14.47 -0.84 3.95
CA VAL A 21 15.71 -0.42 3.32
C VAL A 21 15.49 0.61 2.25
N GLY A 22 14.38 0.49 1.51
CA GLY A 22 14.07 1.47 0.49
C GLY A 22 13.89 2.86 1.09
N TYR A 23 13.15 2.97 2.19
CA TYR A 23 12.96 4.26 2.83
C TYR A 23 14.27 4.79 3.41
N ASP A 24 15.08 3.93 4.02
CA ASP A 24 16.34 4.39 4.61
C ASP A 24 17.33 4.80 3.53
N GLY A 25 17.07 4.35 2.29
CA GLY A 25 17.90 4.70 1.16
C GLY A 25 17.46 6.02 0.52
N GLY A 26 16.37 6.61 1.00
CA GLY A 26 15.99 7.89 0.44
C GLY A 26 14.67 8.03 -0.29
N ALA A 27 13.91 6.94 -0.43
CA ALA A 27 12.61 7.05 -1.12
C ALA A 27 11.70 7.91 -0.25
N ASP A 28 10.90 8.79 -0.87
CA ASP A 28 9.97 9.61 -0.10
C ASP A 28 8.68 8.78 0.08
N HIS A 29 8.37 7.97 -0.92
CA HIS A 29 7.18 7.12 -0.85
C HIS A 29 7.46 5.80 -1.57
N ILE A 30 6.96 4.69 -1.02
CA ILE A 30 7.13 3.40 -1.69
C ILE A 30 5.75 2.79 -1.91
N THR A 31 5.42 2.45 -3.16
CA THR A 31 4.12 1.84 -3.45
C THR A 31 4.43 0.42 -3.94
N GLY A 32 3.95 -0.59 -3.21
CA GLY A 32 4.25 -1.97 -3.56
C GLY A 32 3.15 -2.84 -4.13
N TYR A 33 3.54 -3.74 -5.02
CA TYR A 33 2.61 -4.65 -5.68
C TYR A 33 3.11 -6.10 -5.54
N GLY A 34 2.20 -7.04 -5.26
CA GLY A 34 2.58 -8.45 -5.21
C GLY A 34 2.08 -9.13 -6.49
N ASN A 35 2.32 -10.44 -6.65
CA ASN A 35 1.89 -11.20 -7.83
C ASN A 35 2.28 -10.60 -9.18
N VAL A 36 3.40 -9.89 -9.22
CA VAL A 36 3.83 -9.28 -10.48
C VAL A 36 4.41 -10.32 -11.43
N THR A 37 3.97 -10.28 -12.68
CA THR A 37 4.42 -11.21 -13.71
C THR A 37 4.87 -10.47 -14.96
N PRO A 38 5.55 -11.18 -15.88
CA PRO A 38 5.99 -10.54 -17.11
C PRO A 38 4.78 -10.01 -17.90
N ASP A 39 3.62 -10.64 -17.76
CA ASP A 39 2.44 -10.17 -18.50
C ASP A 39 1.74 -8.95 -17.90
N ASN A 40 1.72 -8.81 -16.57
CA ASN A 40 1.05 -7.66 -15.99
C ASN A 40 1.92 -6.46 -15.63
N VAL A 41 3.24 -6.59 -15.72
CA VAL A 41 4.11 -5.47 -15.35
C VAL A 41 4.14 -4.33 -16.36
N GLY A 42 3.86 -4.60 -17.63
CA GLY A 42 3.89 -3.52 -18.60
C GLY A 42 2.99 -2.33 -18.29
N ALA A 43 1.76 -2.61 -17.86
CA ALA A 43 0.83 -1.53 -17.54
C ALA A 43 1.35 -0.71 -16.35
N TYR A 44 2.01 -1.38 -15.41
CA TYR A 44 2.55 -0.66 -14.25
C TYR A 44 3.68 0.24 -14.70
N VAL A 45 4.53 -0.26 -15.60
CA VAL A 45 5.64 0.55 -16.09
C VAL A 45 5.13 1.77 -16.85
N ASP A 46 4.07 1.61 -17.64
CA ASP A 46 3.53 2.76 -18.38
C ASP A 46 3.21 3.91 -17.41
N GLY A 47 2.72 3.56 -16.23
CA GLY A 47 2.36 4.58 -15.24
C GLY A 47 3.57 5.35 -14.72
N THR A 48 4.77 4.79 -14.88
CA THR A 48 5.98 5.47 -14.42
C THR A 48 6.66 6.30 -15.49
N ILE A 49 6.38 5.99 -16.76
CA ILE A 49 7.03 6.74 -17.85
C ILE A 49 6.17 7.80 -18.55
N TYR A 50 4.87 7.84 -18.30
CA TYR A 50 4.06 8.87 -18.97
C TYR A 50 3.47 9.89 -18.00
N THR A 51 3.93 9.88 -16.75
CA THR A 51 3.40 10.81 -15.75
C THR A 51 4.31 11.99 -15.38
N ARG A 52 5.58 11.91 -15.73
CA ARG A 52 6.54 12.98 -15.42
C ARG A 52 7.50 13.18 -16.60
N GLY A 53 8.08 14.37 -16.71
CA GLY A 53 9.00 14.63 -17.81
C GLY A 53 10.32 15.26 -17.43
N GLY A 54 11.28 15.21 -18.36
CA GLY A 54 12.58 15.81 -18.12
C GLY A 54 13.25 15.39 -16.82
N LYS A 55 13.75 16.36 -16.06
CA LYS A 55 14.43 16.06 -14.80
C LYS A 55 13.46 15.51 -13.74
N GLU A 56 12.16 15.68 -13.96
CA GLU A 56 11.14 15.15 -13.05
C GLU A 56 11.20 13.62 -13.10
N LYS A 57 11.41 13.07 -14.29
CA LYS A 57 11.46 11.63 -14.46
C LYS A 57 12.39 10.91 -13.48
N GLN A 58 13.54 11.49 -13.16
CA GLN A 58 14.44 10.79 -12.28
C GLN A 58 13.92 10.64 -10.86
N SER A 59 12.81 11.28 -10.54
CA SER A 59 12.27 11.15 -9.19
C SER A 59 11.33 9.97 -9.06
N THR A 60 11.19 9.18 -10.12
CA THR A 60 10.36 7.95 -10.04
C THR A 60 11.33 6.81 -10.39
N ALA A 61 11.24 5.68 -9.68
CA ALA A 61 12.12 4.54 -9.97
C ALA A 61 11.44 3.21 -9.67
N ILE A 62 12.02 2.13 -10.18
CA ILE A 62 11.43 0.78 -10.04
C ILE A 62 12.38 -0.19 -9.34
N PHE A 63 11.86 -0.99 -8.42
CA PHE A 63 12.66 -1.99 -7.71
C PHE A 63 11.94 -3.33 -7.88
N VAL A 64 12.64 -4.37 -8.32
CA VAL A 64 12.04 -5.70 -8.50
C VAL A 64 12.63 -6.65 -7.46
N GLY A 65 11.74 -7.36 -6.76
CA GLY A 65 12.15 -8.31 -5.73
C GLY A 65 11.27 -9.55 -5.61
N GLY A 66 11.49 -10.34 -4.54
CA GLY A 66 10.72 -11.57 -4.37
C GLY A 66 11.67 -12.70 -4.00
N GLY A 67 11.13 -13.86 -3.66
CA GLY A 67 11.96 -14.99 -3.21
C GLY A 67 12.59 -15.89 -4.25
N ASP A 68 12.11 -15.81 -5.49
CA ASP A 68 12.65 -16.61 -6.58
C ASP A 68 13.36 -15.70 -7.57
N MET A 69 14.68 -15.85 -7.69
CA MET A 69 15.47 -15.03 -8.59
C MET A 69 15.06 -15.14 -10.06
N ALA A 70 14.89 -16.36 -10.56
CA ALA A 70 14.50 -16.55 -11.97
C ALA A 70 13.22 -15.79 -12.29
N ALA A 71 12.28 -15.81 -11.36
CA ALA A 71 11.01 -15.11 -11.56
C ALA A 71 11.26 -13.60 -11.60
N GLY A 72 12.10 -13.10 -10.70
CA GLY A 72 12.40 -11.67 -10.71
C GLY A 72 13.11 -11.28 -12.00
N GLU A 73 13.97 -12.15 -12.48
CA GLU A 73 14.71 -11.86 -13.71
C GLU A 73 13.74 -11.74 -14.90
N ARG A 74 12.71 -12.60 -14.93
CA ARG A 74 11.74 -12.51 -16.02
C ARG A 74 10.96 -11.21 -15.93
N VAL A 75 10.66 -10.75 -14.73
CA VAL A 75 9.90 -9.50 -14.60
C VAL A 75 10.83 -8.33 -14.97
N PHE A 76 12.06 -8.38 -14.50
CA PHE A 76 13.04 -7.32 -14.76
C PHE A 76 13.24 -7.15 -16.27
N GLU A 77 13.33 -8.24 -17.01
CA GLU A 77 13.49 -8.16 -18.46
C GLU A 77 12.24 -7.55 -19.13
N ALA A 78 11.07 -7.90 -18.63
CA ALA A 78 9.83 -7.37 -19.17
C ALA A 78 9.73 -5.86 -18.88
N VAL A 79 10.32 -5.42 -17.78
CA VAL A 79 10.32 -3.99 -17.43
C VAL A 79 11.17 -3.24 -18.47
N LYS A 80 12.39 -3.72 -18.67
CA LYS A 80 13.30 -3.06 -19.60
C LYS A 80 12.74 -3.07 -21.01
N LYS A 81 11.99 -4.12 -21.36
CA LYS A 81 11.39 -4.21 -22.69
C LYS A 81 10.28 -3.20 -22.92
N ARG A 82 9.65 -2.73 -21.84
CA ARG A 82 8.55 -1.78 -21.97
C ARG A 82 9.04 -0.36 -22.24
N PHE A 83 10.27 -0.07 -21.80
CA PHE A 83 10.86 1.23 -22.02
C PHE A 83 11.12 1.41 -23.52
N PHE A 84 11.18 2.65 -23.97
CA PHE A 84 11.50 2.89 -25.37
C PHE A 84 11.88 4.36 -25.53
N GLY A 85 12.94 4.60 -26.30
CA GLY A 85 13.37 5.96 -26.52
C GLY A 85 13.66 6.63 -25.20
N PRO A 86 13.23 7.89 -25.04
CA PRO A 86 13.46 8.64 -23.79
C PRO A 86 12.48 8.29 -22.68
N PHE A 87 11.49 7.44 -22.96
CA PHE A 87 10.49 7.08 -21.96
C PHE A 87 10.98 5.91 -21.10
N ARG A 88 11.71 6.24 -20.03
CA ARG A 88 12.25 5.22 -19.11
C ARG A 88 12.55 5.84 -17.74
N VAL A 89 12.77 5.00 -16.74
CA VAL A 89 13.16 5.47 -15.40
C VAL A 89 14.19 4.47 -14.91
N SER A 90 14.90 4.77 -13.82
CA SER A 90 15.90 3.82 -13.32
C SER A 90 15.22 2.61 -12.70
N CYS A 91 15.89 1.46 -12.75
CA CYS A 91 15.32 0.23 -12.18
C CYS A 91 16.42 -0.60 -11.50
N MET A 92 16.03 -1.46 -10.57
CA MET A 92 16.99 -2.30 -9.84
C MET A 92 16.36 -3.66 -9.59
N LEU A 93 17.18 -4.71 -9.58
CA LEU A 93 16.74 -6.09 -9.30
C LEU A 93 17.53 -6.61 -8.08
N ASP A 94 16.85 -7.11 -7.05
CA ASP A 94 17.56 -7.66 -5.89
C ASP A 94 16.72 -8.67 -5.12
N SER A 95 16.11 -9.59 -5.86
CA SER A 95 15.30 -10.65 -5.26
C SER A 95 16.00 -11.30 -4.07
N ASN A 96 15.36 -11.23 -2.90
CA ASN A 96 15.89 -11.82 -1.67
C ASN A 96 17.25 -11.28 -1.26
N GLY A 97 17.63 -10.13 -1.81
CA GLY A 97 18.90 -9.53 -1.46
C GLY A 97 20.12 -10.30 -1.99
N SER A 98 19.93 -11.13 -3.00
CA SER A 98 21.07 -11.91 -3.51
C SER A 98 22.13 -11.14 -4.26
N ASN A 99 21.74 -10.12 -5.01
CA ASN A 99 22.70 -9.32 -5.75
C ASN A 99 23.52 -8.48 -4.76
N THR A 100 22.84 -7.82 -3.81
CA THR A 100 23.58 -7.00 -2.85
C THR A 100 24.44 -7.80 -1.88
N THR A 101 24.00 -8.99 -1.52
CA THR A 101 24.79 -9.83 -0.61
C THR A 101 26.00 -10.38 -1.39
N ALA A 102 25.78 -10.95 -2.57
CA ALA A 102 26.91 -11.47 -3.33
C ALA A 102 27.92 -10.38 -3.70
N ALA A 103 27.43 -9.20 -4.05
CA ALA A 103 28.34 -8.11 -4.40
C ALA A 103 29.16 -7.64 -3.21
N ALA A 104 28.54 -7.56 -2.03
CA ALA A 104 29.29 -7.11 -0.86
C ALA A 104 30.36 -8.13 -0.49
N GLY A 105 29.99 -9.40 -0.50
CA GLY A 105 30.93 -10.46 -0.18
C GLY A 105 32.13 -10.56 -1.10
N VAL A 106 31.89 -10.53 -2.40
CA VAL A 106 33.00 -10.60 -3.36
C VAL A 106 33.87 -9.32 -3.31
N ALA A 107 33.26 -8.16 -3.13
CA ALA A 107 34.03 -6.92 -3.07
C ALA A 107 34.97 -6.90 -1.85
N LEU A 108 34.49 -7.40 -0.73
CA LEU A 108 35.31 -7.42 0.48
C LEU A 108 36.50 -8.37 0.31
N VAL A 109 36.26 -9.53 -0.30
CA VAL A 109 37.33 -10.52 -0.50
C VAL A 109 38.36 -10.01 -1.49
N VAL A 110 37.90 -9.46 -2.60
CA VAL A 110 38.82 -8.93 -3.61
C VAL A 110 39.66 -7.78 -3.02
N LYS A 111 39.06 -6.96 -2.17
CA LYS A 111 39.81 -5.85 -1.58
C LYS A 111 40.87 -6.43 -0.64
N ALA A 112 40.45 -7.33 0.24
CA ALA A 112 41.37 -7.95 1.19
C ALA A 112 42.46 -8.74 0.48
N ALA A 113 42.19 -9.17 -0.75
CA ALA A 113 43.15 -9.94 -1.52
C ALA A 113 44.22 -9.06 -2.15
N GLY A 114 44.07 -7.74 -2.00
CA GLY A 114 45.05 -6.83 -2.56
C GLY A 114 44.51 -6.04 -3.74
N GLY A 115 43.35 -6.44 -4.26
CA GLY A 115 42.77 -5.73 -5.38
C GLY A 115 42.57 -6.57 -6.63
N SER A 116 43.15 -7.77 -6.65
CA SER A 116 42.99 -8.67 -7.80
C SER A 116 42.99 -10.12 -7.37
N VAL A 117 42.28 -10.95 -8.12
CA VAL A 117 42.19 -12.36 -7.84
C VAL A 117 42.35 -13.12 -9.14
N LYS A 118 42.77 -12.42 -10.19
CA LYS A 118 42.95 -13.04 -11.50
C LYS A 118 43.91 -14.23 -11.48
N GLY A 119 43.58 -15.24 -12.26
CA GLY A 119 44.43 -16.42 -12.32
C GLY A 119 44.39 -17.31 -11.09
N LYS A 120 43.85 -16.80 -9.98
CA LYS A 120 43.79 -17.60 -8.76
C LYS A 120 42.56 -18.51 -8.80
N LYS A 121 42.62 -19.59 -8.03
CA LYS A 121 41.55 -20.58 -7.96
C LYS A 121 40.58 -20.20 -6.84
N ALA A 122 39.29 -20.24 -7.14
CA ALA A 122 38.25 -19.91 -6.17
C ALA A 122 37.21 -21.01 -6.12
N VAL A 123 36.79 -21.37 -4.92
CA VAL A 123 35.83 -22.43 -4.75
C VAL A 123 34.59 -21.97 -3.99
N VAL A 124 33.44 -22.14 -4.62
CA VAL A 124 32.19 -21.77 -3.97
C VAL A 124 31.47 -23.05 -3.59
N LEU A 125 31.37 -23.30 -2.30
CA LEU A 125 30.71 -24.50 -1.81
C LEU A 125 29.23 -24.21 -1.70
N ALA A 126 28.42 -25.22 -2.05
CA ALA A 126 26.97 -25.09 -2.05
C ALA A 126 26.66 -23.85 -2.89
N GLY A 127 27.36 -23.74 -4.02
CA GLY A 127 27.19 -22.58 -4.88
C GLY A 127 26.04 -22.60 -5.87
N THR A 128 25.09 -23.51 -5.67
CA THR A 128 23.93 -23.67 -6.57
C THR A 128 22.74 -22.75 -6.30
N GLY A 129 22.78 -22.02 -5.19
CA GLY A 129 21.70 -21.09 -4.87
C GLY A 129 21.99 -19.73 -5.50
N PRO A 130 21.06 -18.76 -5.44
CA PRO A 130 21.26 -17.44 -6.03
C PRO A 130 22.51 -16.67 -5.53
N VAL A 131 22.81 -16.72 -4.23
CA VAL A 131 23.98 -16.01 -3.74
C VAL A 131 25.28 -16.66 -4.25
N GLY A 132 25.29 -17.98 -4.25
CA GLY A 132 26.48 -18.69 -4.73
C GLY A 132 26.70 -18.47 -6.22
N MET A 133 25.62 -18.52 -7.00
CA MET A 133 25.72 -18.31 -8.46
C MET A 133 26.16 -16.89 -8.78
N ARG A 134 25.55 -15.90 -8.15
CA ARG A 134 25.97 -14.52 -8.38
C ARG A 134 27.43 -14.36 -7.88
N SER A 135 27.81 -15.04 -6.80
CA SER A 135 29.19 -14.92 -6.31
C SER A 135 30.17 -15.52 -7.35
N ALA A 136 29.82 -16.70 -7.86
CA ALA A 136 30.64 -17.36 -8.89
C ALA A 136 30.80 -16.45 -10.10
N ALA A 137 29.71 -15.80 -10.49
CA ALA A 137 29.70 -14.89 -11.63
C ALA A 137 30.63 -13.70 -11.47
N LEU A 138 30.59 -13.06 -10.30
CA LEU A 138 31.42 -11.88 -10.06
C LEU A 138 32.89 -12.25 -9.93
N LEU A 139 33.18 -13.39 -9.31
CA LEU A 139 34.56 -13.85 -9.18
C LEU A 139 35.10 -14.16 -10.60
N ALA A 140 34.30 -14.88 -11.40
CA ALA A 140 34.72 -15.23 -12.76
C ALA A 140 34.98 -13.96 -13.56
N GLY A 141 34.14 -12.96 -13.35
CA GLY A 141 34.31 -11.70 -14.06
C GLY A 141 35.59 -11.03 -13.63
N GLU A 142 36.08 -11.37 -12.45
CA GLU A 142 37.34 -10.78 -11.97
C GLU A 142 38.57 -11.59 -12.46
N GLY A 143 38.33 -12.67 -13.19
CA GLY A 143 39.42 -13.47 -13.72
C GLY A 143 39.78 -14.75 -12.97
N ALA A 144 39.18 -14.96 -11.81
CA ALA A 144 39.47 -16.15 -11.03
C ALA A 144 38.95 -17.43 -11.68
N GLU A 145 39.64 -18.53 -11.41
CA GLU A 145 39.23 -19.84 -11.93
C GLU A 145 38.22 -20.29 -10.88
N VAL A 146 36.95 -20.36 -11.26
CA VAL A 146 35.92 -20.74 -10.31
C VAL A 146 35.38 -22.13 -10.49
N VAL A 147 35.20 -22.83 -9.37
CA VAL A 147 34.65 -24.17 -9.36
C VAL A 147 33.41 -24.08 -8.47
N LEU A 148 32.24 -24.29 -9.06
CA LEU A 148 30.98 -24.23 -8.33
C LEU A 148 30.59 -25.66 -7.94
N CYS A 149 30.51 -25.89 -6.62
CA CYS A 149 30.19 -27.20 -6.06
C CYS A 149 28.81 -27.35 -5.48
N GLY A 150 28.38 -28.62 -5.43
CA GLY A 150 27.10 -28.96 -4.88
C GLY A 150 27.10 -30.47 -4.67
N ARG A 151 26.14 -30.95 -3.89
CA ARG A 151 26.04 -32.38 -3.63
C ARG A 151 25.88 -33.24 -4.89
N LYS A 152 25.12 -32.76 -5.87
CA LYS A 152 24.90 -33.51 -7.11
C LYS A 152 25.44 -32.79 -8.32
N LEU A 153 26.26 -33.49 -9.10
CA LEU A 153 26.85 -32.90 -10.30
C LEU A 153 25.88 -32.26 -11.30
N ASP A 154 24.73 -32.88 -11.54
CA ASP A 154 23.80 -32.29 -12.52
C ASP A 154 23.32 -30.90 -12.13
N LYS A 155 22.93 -30.73 -10.88
CA LYS A 155 22.46 -29.43 -10.41
C LYS A 155 23.61 -28.44 -10.41
N ALA A 156 24.80 -28.90 -10.04
CA ALA A 156 25.97 -28.04 -10.00
C ALA A 156 26.33 -27.58 -11.40
N GLN A 157 26.25 -28.49 -12.37
CA GLN A 157 26.58 -28.14 -13.75
C GLN A 157 25.51 -27.22 -14.34
N ALA A 158 24.25 -27.43 -13.97
CA ALA A 158 23.18 -26.58 -14.48
C ALA A 158 23.43 -25.15 -14.02
N ALA A 159 23.83 -25.00 -12.76
CA ALA A 159 24.10 -23.67 -12.21
C ALA A 159 25.24 -22.99 -12.95
N ALA A 160 26.32 -23.72 -13.21
CA ALA A 160 27.44 -23.12 -13.92
C ALA A 160 27.05 -22.73 -15.35
N ASP A 161 26.27 -23.58 -16.01
CA ASP A 161 25.81 -23.30 -17.38
C ASP A 161 24.97 -22.01 -17.35
N SER A 162 24.10 -21.88 -16.35
CA SER A 162 23.24 -20.69 -16.24
C SER A 162 24.09 -19.44 -16.06
N VAL A 163 25.02 -19.50 -15.10
CA VAL A 163 25.91 -18.39 -14.85
C VAL A 163 26.74 -18.05 -16.09
N ASN A 164 27.28 -19.08 -16.74
CA ASN A 164 28.09 -18.85 -17.92
C ASN A 164 27.38 -18.13 -19.04
N LYS A 165 26.15 -18.53 -19.34
CA LYS A 165 25.39 -17.89 -20.42
C LYS A 165 25.04 -16.43 -20.09
N ARG A 166 24.54 -16.20 -18.88
CA ARG A 166 24.16 -14.84 -18.47
C ARG A 166 25.32 -13.84 -18.37
N PHE A 167 26.45 -14.30 -17.83
CA PHE A 167 27.58 -13.40 -17.65
C PHE A 167 28.74 -13.64 -18.60
N LYS A 168 28.59 -14.60 -19.51
CA LYS A 168 29.64 -14.87 -20.48
C LYS A 168 31.00 -15.14 -19.83
N VAL A 169 31.06 -16.18 -19.02
CA VAL A 169 32.27 -16.55 -18.33
C VAL A 169 32.39 -18.05 -18.44
N ASN A 170 33.40 -18.65 -17.83
CA ASN A 170 33.53 -20.08 -17.90
C ASN A 170 33.81 -20.69 -16.54
N VAL A 171 32.75 -20.88 -15.78
CA VAL A 171 32.77 -21.47 -14.47
C VAL A 171 32.64 -22.97 -14.68
N THR A 172 33.28 -23.76 -13.84
CA THR A 172 33.18 -25.21 -13.98
C THR A 172 32.49 -25.71 -12.72
N ALA A 173 31.96 -26.91 -12.76
CA ALA A 173 31.24 -27.44 -11.61
C ALA A 173 31.95 -28.66 -11.05
N ALA A 174 31.49 -29.11 -9.90
CA ALA A 174 32.06 -30.29 -9.25
C ALA A 174 31.06 -30.82 -8.25
N GLU A 175 31.00 -32.14 -8.14
CA GLU A 175 30.10 -32.76 -7.20
C GLU A 175 30.88 -32.96 -5.90
N THR A 176 30.25 -32.64 -4.77
CA THR A 176 30.85 -32.82 -3.46
C THR A 176 29.68 -33.24 -2.60
N ALA A 177 29.49 -34.55 -2.46
CA ALA A 177 28.36 -35.08 -1.69
C ALA A 177 28.50 -35.02 -0.18
N ASP A 178 29.74 -34.96 0.30
CA ASP A 178 30.01 -34.95 1.74
C ASP A 178 31.07 -33.95 2.15
N ASP A 179 31.36 -33.90 3.45
CA ASP A 179 32.37 -32.99 3.99
C ASP A 179 33.74 -33.35 3.39
N ALA A 180 34.00 -34.65 3.30
CA ALA A 180 35.26 -35.15 2.78
C ALA A 180 35.54 -34.63 1.38
N SER A 181 34.58 -34.81 0.48
CA SER A 181 34.76 -34.33 -0.89
C SER A 181 34.94 -32.82 -0.83
N ARG A 182 34.18 -32.16 0.04
CA ARG A 182 34.30 -30.70 0.18
C ARG A 182 35.71 -30.28 0.62
N ALA A 183 36.37 -31.13 1.41
CA ALA A 183 37.71 -30.83 1.89
C ALA A 183 38.70 -30.94 0.73
N GLU A 184 38.46 -31.90 -0.15
CA GLU A 184 39.33 -32.11 -1.30
C GLU A 184 39.22 -30.99 -2.33
N ALA A 185 38.00 -30.59 -2.64
CA ALA A 185 37.74 -29.55 -3.64
C ALA A 185 38.45 -28.25 -3.29
N VAL A 186 38.60 -28.02 -1.99
CA VAL A 186 39.26 -26.83 -1.46
C VAL A 186 40.78 -26.82 -1.59
N LYS A 187 41.38 -27.99 -1.80
CA LYS A 187 42.83 -28.06 -1.93
C LYS A 187 43.38 -27.37 -3.19
N GLY A 188 44.33 -26.46 -2.98
CA GLY A 188 44.92 -25.75 -4.11
C GLY A 188 44.24 -24.42 -4.38
N ALA A 189 43.14 -24.15 -3.70
CA ALA A 189 42.39 -22.92 -3.88
C ALA A 189 42.97 -21.82 -3.01
N HIS A 190 42.80 -20.58 -3.48
CA HIS A 190 43.28 -19.40 -2.77
C HIS A 190 42.13 -18.68 -2.06
N PHE A 191 40.91 -18.88 -2.55
CA PHE A 191 39.73 -18.23 -1.96
C PHE A 191 38.57 -19.23 -1.84
N VAL A 192 37.92 -19.25 -0.68
CA VAL A 192 36.83 -20.19 -0.46
C VAL A 192 35.57 -19.53 0.11
N PHE A 193 34.45 -19.69 -0.61
CA PHE A 193 33.19 -19.13 -0.16
C PHE A 193 32.25 -20.27 0.15
N THR A 194 31.50 -20.12 1.24
CA THR A 194 30.49 -21.08 1.60
C THR A 194 29.18 -20.32 1.44
N ALA A 195 28.38 -20.72 0.46
CA ALA A 195 27.09 -20.09 0.19
C ALA A 195 25.95 -21.05 0.46
N GLY A 196 26.08 -21.80 1.56
CA GLY A 196 25.04 -22.76 1.89
C GLY A 196 23.77 -22.20 2.52
N ALA A 197 22.73 -23.01 2.51
CA ALA A 197 21.44 -22.64 3.08
C ALA A 197 21.65 -22.29 4.55
N ILE A 198 20.69 -21.58 5.12
CA ILE A 198 20.78 -21.13 6.49
C ILE A 198 20.90 -22.22 7.57
N GLY A 199 21.84 -22.02 8.50
CA GLY A 199 22.04 -22.95 9.59
C GLY A 199 22.74 -24.28 9.34
N LEU A 200 23.67 -24.31 8.40
CA LEU A 200 24.42 -25.53 8.06
C LEU A 200 25.92 -25.27 7.97
N GLU A 201 26.72 -26.27 8.33
CA GLU A 201 28.18 -26.14 8.26
C GLU A 201 28.67 -26.86 7.02
N LEU A 202 29.70 -26.32 6.39
CA LEU A 202 30.22 -26.92 5.18
C LEU A 202 31.72 -27.14 5.17
N LEU A 203 32.45 -26.34 5.95
CA LEU A 203 33.90 -26.45 5.96
C LEU A 203 34.48 -26.24 7.35
N PRO A 204 34.73 -27.33 8.10
CA PRO A 204 35.29 -27.22 9.46
C PRO A 204 36.67 -26.54 9.47
N GLN A 205 37.10 -26.09 10.64
CA GLN A 205 38.38 -25.37 10.77
C GLN A 205 39.60 -26.10 10.20
N ALA A 206 39.65 -27.42 10.37
CA ALA A 206 40.77 -28.21 9.87
C ALA A 206 40.83 -28.07 8.35
N ALA A 207 39.70 -28.39 7.72
CA ALA A 207 39.54 -28.37 6.28
C ALA A 207 40.11 -27.16 5.55
N TRP A 208 40.22 -26.01 6.22
CA TRP A 208 40.75 -24.83 5.54
C TRP A 208 42.06 -24.32 6.13
N GLN A 209 42.27 -24.57 7.40
CA GLN A 209 43.47 -24.09 8.07
C GLN A 209 44.76 -24.75 7.65
N ASN A 210 44.70 -26.01 7.26
CA ASN A 210 45.91 -26.72 6.88
C ASN A 210 46.16 -26.76 5.39
N GLU A 211 45.56 -25.82 4.66
CA GLU A 211 45.76 -25.78 3.22
C GLU A 211 46.57 -24.52 2.88
N SER A 212 47.88 -24.68 2.82
CA SER A 212 48.77 -23.56 2.54
C SER A 212 48.23 -22.54 1.54
N SER A 213 47.60 -23.02 0.47
CA SER A 213 47.09 -22.13 -0.58
C SER A 213 46.02 -21.13 -0.16
N ILE A 214 45.14 -21.51 0.76
CA ILE A 214 44.04 -20.63 1.16
C ILE A 214 44.43 -19.27 1.77
N GLU A 215 43.99 -18.21 1.11
CA GLU A 215 44.27 -16.85 1.58
C GLU A 215 43.11 -16.27 2.37
N ILE A 216 41.89 -16.41 1.83
CA ILE A 216 40.70 -15.84 2.46
C ILE A 216 39.50 -16.78 2.45
N VAL A 217 38.73 -16.75 3.53
CA VAL A 217 37.51 -17.54 3.63
C VAL A 217 36.37 -16.53 3.86
N ALA A 218 35.20 -16.82 3.27
CA ALA A 218 34.03 -15.94 3.39
C ALA A 218 32.78 -16.80 3.53
N ASP A 219 31.93 -16.48 4.49
CA ASP A 219 30.73 -17.26 4.76
C ASP A 219 29.45 -16.38 4.71
N TYR A 220 28.45 -16.83 3.96
CA TYR A 220 27.21 -16.06 3.84
C TYR A 220 26.14 -16.49 4.84
N ASN A 221 26.37 -17.59 5.56
CA ASN A 221 25.41 -18.08 6.56
C ASN A 221 25.63 -17.44 7.93
N ALA A 222 24.61 -16.74 8.45
CA ALA A 222 24.72 -16.07 9.75
C ALA A 222 24.13 -16.84 10.92
N GLN A 223 23.52 -17.99 10.64
CA GLN A 223 22.88 -18.81 11.68
C GLN A 223 23.71 -20.05 12.03
N PRO A 224 24.15 -20.15 13.30
CA PRO A 224 24.95 -21.29 13.80
C PRO A 224 24.18 -22.61 13.67
N PRO A 225 24.86 -23.70 13.29
CA PRO A 225 26.29 -23.76 12.96
C PRO A 225 26.62 -23.01 11.66
N LEU A 226 27.64 -22.18 11.72
CA LEU A 226 28.05 -21.38 10.58
C LEU A 226 28.65 -22.22 9.46
N GLY A 227 28.59 -21.70 8.25
CA GLY A 227 29.12 -22.42 7.10
C GLY A 227 30.60 -22.71 7.25
N ILE A 228 31.31 -21.81 7.94
CA ILE A 228 32.73 -22.01 8.16
C ILE A 228 33.03 -22.14 9.65
N GLY A 229 33.71 -23.22 10.02
CA GLY A 229 34.05 -23.43 11.40
C GLY A 229 35.30 -22.67 11.82
N GLY A 230 35.33 -22.26 13.08
CA GLY A 230 36.48 -21.53 13.60
C GLY A 230 36.45 -20.01 13.49
N ILE A 231 35.32 -19.44 13.08
CA ILE A 231 35.21 -17.98 12.96
C ILE A 231 33.91 -17.51 13.55
N ASP A 232 33.73 -16.19 13.63
N ASP A 232 33.73 -16.19 13.63
CA ASP A 232 32.49 -15.62 14.15
CA ASP A 232 32.51 -15.60 14.16
C ASP A 232 31.85 -14.79 13.04
C ASP A 232 31.85 -14.75 13.08
N ALA A 233 30.52 -14.70 13.06
CA ALA A 233 29.77 -13.94 12.06
C ALA A 233 30.23 -12.49 11.87
N THR A 234 30.64 -11.85 12.96
CA THR A 234 31.09 -10.47 12.91
C THR A 234 32.46 -10.32 12.27
N ASP A 235 33.18 -11.42 12.08
CA ASP A 235 34.51 -11.34 11.50
C ASP A 235 34.53 -10.57 10.20
N LYS A 236 35.51 -9.68 10.07
CA LYS A 236 35.57 -8.91 8.85
C LYS A 236 37.04 -8.62 8.53
N GLY A 237 37.75 -9.66 8.13
CA GLY A 237 39.15 -9.54 7.80
C GLY A 237 40.04 -10.06 8.93
N LYS A 238 39.42 -10.60 9.98
N LYS A 238 39.42 -10.55 10.00
CA LYS A 238 40.11 -11.15 11.14
CA LYS A 238 40.17 -11.07 11.15
C LYS A 238 41.18 -12.17 10.74
C LYS A 238 41.18 -12.12 10.74
N GLU A 239 42.38 -12.04 11.32
CA GLU A 239 43.48 -12.96 11.03
C GLU A 239 43.43 -14.30 11.76
N TYR A 240 43.66 -15.38 11.03
CA TYR A 240 43.66 -16.72 11.60
C TYR A 240 44.86 -17.55 11.15
N GLY A 241 46.06 -17.15 11.59
CA GLY A 241 47.26 -17.87 11.24
C GLY A 241 47.41 -18.10 9.74
N GLY A 242 47.56 -17.00 9.02
CA GLY A 242 47.69 -17.05 7.58
C GLY A 242 46.42 -16.52 6.95
N LYS A 243 45.37 -17.35 7.00
CA LYS A 243 44.08 -17.00 6.42
C LYS A 243 43.29 -15.88 7.13
N ARG A 244 42.57 -15.07 6.34
N ARG A 244 42.57 -15.08 6.34
CA ARG A 244 41.74 -13.99 6.88
CA ARG A 244 41.74 -13.99 6.85
C ARG A 244 40.28 -14.37 6.62
C ARG A 244 40.28 -14.36 6.61
N ALA A 245 39.41 -14.04 7.57
CA ALA A 245 37.99 -14.39 7.44
C ALA A 245 36.94 -13.28 7.49
N PHE A 246 35.89 -13.49 6.70
CA PHE A 246 34.75 -12.59 6.63
C PHE A 246 33.50 -13.41 6.95
N GLY A 247 32.85 -13.10 8.08
CA GLY A 247 31.65 -13.81 8.47
C GLY A 247 30.41 -13.15 7.86
N ALA A 248 29.26 -13.82 7.98
CA ALA A 248 28.02 -13.33 7.39
C ALA A 248 27.57 -11.94 7.86
N LEU A 249 27.78 -11.61 9.13
CA LEU A 249 27.38 -10.31 9.62
C LEU A 249 28.38 -9.22 9.22
N GLY A 250 29.63 -9.58 9.03
CA GLY A 250 30.60 -8.60 8.61
C GLY A 250 30.28 -8.23 7.16
N ILE A 251 29.79 -9.23 6.41
CA ILE A 251 29.41 -9.03 5.01
C ILE A 251 28.10 -8.27 5.01
N GLY A 252 27.20 -8.67 5.92
CA GLY A 252 25.89 -8.03 6.01
C GLY A 252 25.93 -6.53 6.25
N GLY A 253 26.88 -6.06 7.03
CA GLY A 253 26.97 -4.64 7.30
C GLY A 253 27.14 -3.83 6.03
N LEU A 254 27.98 -4.32 5.14
CA LEU A 254 28.22 -3.65 3.87
C LEU A 254 27.01 -3.80 2.94
N LYS A 255 26.42 -5.00 2.90
N LYS A 255 26.42 -5.00 2.90
CA LYS A 255 25.24 -5.25 2.08
CA LYS A 255 25.24 -5.25 2.07
C LYS A 255 24.15 -4.23 2.37
C LYS A 255 24.15 -4.23 2.37
N LEU A 256 23.93 -3.96 3.66
CA LEU A 256 22.90 -3.00 4.07
C LEU A 256 23.22 -1.59 3.57
N LYS A 257 24.46 -1.16 3.75
CA LYS A 257 24.86 0.16 3.27
C LYS A 257 24.78 0.24 1.74
N LEU A 258 25.17 -0.85 1.09
CA LEU A 258 25.15 -0.94 -0.38
C LEU A 258 23.73 -0.83 -0.95
N HIS A 259 22.79 -1.58 -0.37
CA HIS A 259 21.39 -1.60 -0.79
C HIS A 259 20.86 -0.17 -0.67
N ARG A 260 21.09 0.47 0.48
CA ARG A 260 20.64 1.86 0.68
C ARG A 260 21.23 2.79 -0.38
N ALA A 261 22.53 2.70 -0.62
CA ALA A 261 23.17 3.56 -1.62
C ALA A 261 22.63 3.35 -3.05
N CYS A 262 22.29 2.11 -3.40
CA CYS A 262 21.74 1.81 -4.73
C CYS A 262 20.38 2.50 -4.85
N ILE A 263 19.56 2.42 -3.81
CA ILE A 263 18.26 3.09 -3.88
C ILE A 263 18.45 4.59 -4.17
N ALA A 264 19.34 5.24 -3.42
CA ALA A 264 19.56 6.67 -3.62
C ALA A 264 20.01 6.97 -5.05
N LYS A 265 20.84 6.10 -5.61
CA LYS A 265 21.36 6.30 -6.95
C LYS A 265 20.24 6.23 -7.99
N LEU A 266 19.20 5.44 -7.71
CA LEU A 266 18.07 5.31 -8.63
C LEU A 266 17.43 6.66 -8.91
N PHE A 267 17.50 7.58 -7.95
CA PHE A 267 16.87 8.90 -8.08
C PHE A 267 17.79 10.02 -8.61
N GLU A 268 19.01 9.66 -8.96
CA GLU A 268 19.96 10.66 -9.48
C GLU A 268 19.99 10.66 -11.01
N SER A 269 19.29 9.70 -11.60
CA SER A 269 19.21 9.55 -13.04
C SER A 269 17.95 8.76 -13.41
N SER A 270 17.52 8.88 -14.66
CA SER A 270 16.35 8.13 -15.13
C SER A 270 16.79 6.98 -16.02
N GLU A 271 18.07 6.66 -16.07
CA GLU A 271 18.47 5.51 -16.88
C GLU A 271 19.41 4.50 -16.26
N GLY A 272 19.39 4.41 -14.93
CA GLY A 272 20.23 3.43 -14.27
C GLY A 272 19.60 2.06 -14.38
N VAL A 273 20.44 1.02 -14.51
CA VAL A 273 19.97 -0.35 -14.58
C VAL A 273 20.88 -1.06 -13.59
N PHE A 274 20.34 -1.42 -12.43
CA PHE A 274 21.13 -2.08 -11.41
C PHE A 274 20.86 -3.56 -11.22
N ASP A 275 21.70 -4.39 -11.85
CA ASP A 275 21.64 -5.84 -11.69
C ASP A 275 23.04 -6.18 -11.13
N ALA A 276 23.44 -7.45 -11.12
CA ALA A 276 24.73 -7.81 -10.52
C ALA A 276 25.95 -6.98 -10.91
N GLU A 277 26.18 -6.77 -12.21
CA GLU A 277 27.34 -6.01 -12.62
C GLU A 277 27.42 -4.59 -12.05
N GLU A 278 26.34 -3.82 -12.16
CA GLU A 278 26.36 -2.45 -11.65
C GLU A 278 26.38 -2.34 -10.13
N ILE A 279 25.65 -3.22 -9.44
CA ILE A 279 25.63 -3.21 -7.98
C ILE A 279 27.05 -3.54 -7.45
N TYR A 280 27.73 -4.47 -8.11
CA TYR A 280 29.08 -4.87 -7.71
C TYR A 280 30.10 -3.73 -7.96
N LYS A 281 29.89 -2.97 -9.04
CA LYS A 281 30.75 -1.84 -9.35
C LYS A 281 30.67 -0.82 -8.22
N LEU A 282 29.47 -0.61 -7.68
CA LEU A 282 29.28 0.32 -6.56
C LEU A 282 29.82 -0.28 -5.25
N ALA A 283 29.71 -1.60 -5.12
CA ALA A 283 30.19 -2.29 -3.93
C ALA A 283 31.72 -2.09 -3.77
N LYS A 284 32.42 -2.13 -4.88
CA LYS A 284 33.87 -1.95 -4.87
C LYS A 284 34.25 -0.54 -4.44
N GLU A 285 33.37 0.44 -4.69
CA GLU A 285 33.64 1.84 -4.32
C GLU A 285 33.36 2.07 -2.85
N MET A 286 32.60 1.16 -2.25
CA MET A 286 32.21 1.27 -0.84
C MET A 286 32.89 0.32 0.15
N ALA A 287 33.46 -0.79 -0.33
CA ALA A 287 34.09 -1.79 0.54
C ALA A 287 35.21 -1.26 1.45
N SER B 1 -2.59 18.71 9.73
CA SER B 1 -2.75 17.25 9.48
C SER B 1 -2.27 16.90 8.08
N LYS B 2 -1.74 15.70 7.91
CA LYS B 2 -1.26 15.27 6.59
C LYS B 2 -2.45 15.07 5.64
N LYS B 3 -2.23 15.38 4.36
CA LYS B 3 -3.25 15.24 3.33
C LYS B 3 -3.22 13.76 2.88
N LEU B 4 -4.28 13.03 3.24
CA LEU B 4 -4.36 11.60 2.95
C LEU B 4 -5.39 11.30 1.86
N LEU B 5 -4.92 10.70 0.75
CA LEU B 5 -5.81 10.33 -0.35
C LEU B 5 -6.06 8.81 -0.30
N PHE B 6 -7.32 8.41 -0.38
CA PHE B 6 -7.65 6.98 -0.42
C PHE B 6 -8.11 6.68 -1.84
N GLN B 7 -7.34 5.82 -2.51
CA GLN B 7 -7.57 5.42 -3.90
C GLN B 7 -8.33 4.11 -3.99
N PHE B 8 -9.53 4.13 -4.56
CA PHE B 8 -10.40 2.96 -4.70
C PHE B 8 -10.45 2.60 -6.19
N ASP B 9 -9.79 1.50 -6.57
CA ASP B 9 -9.71 1.03 -7.96
C ASP B 9 -10.57 -0.24 -8.19
N THR B 10 -11.34 -0.26 -9.27
CA THR B 10 -12.19 -1.42 -9.53
C THR B 10 -11.41 -2.63 -10.11
N ASP B 11 -10.20 -2.39 -10.62
CA ASP B 11 -9.35 -3.46 -11.15
C ASP B 11 -8.68 -4.21 -10.01
N ALA B 12 -8.01 -5.32 -10.32
CA ALA B 12 -7.38 -6.11 -9.27
C ALA B 12 -6.36 -5.37 -8.40
N THR B 13 -5.58 -4.46 -8.99
CA THR B 13 -4.60 -3.69 -8.20
C THR B 13 -4.75 -2.21 -8.60
N PRO B 14 -4.32 -1.27 -7.75
CA PRO B 14 -4.48 0.15 -8.12
C PRO B 14 -3.55 0.65 -9.22
N SER B 15 -4.09 1.52 -10.07
CA SER B 15 -3.35 2.13 -11.17
C SER B 15 -2.11 2.93 -10.72
N VAL B 16 -0.94 2.58 -11.25
CA VAL B 16 0.31 3.29 -10.95
C VAL B 16 0.20 4.74 -11.46
N PHE B 17 -0.40 4.92 -12.64
CA PHE B 17 -0.56 6.27 -13.22
C PHE B 17 -1.28 7.17 -12.20
N ASP B 18 -2.38 6.69 -11.65
CA ASP B 18 -3.15 7.51 -10.72
C ASP B 18 -2.36 7.83 -9.42
N VAL B 19 -1.40 6.96 -9.06
CA VAL B 19 -0.60 7.19 -7.85
C VAL B 19 0.39 8.33 -8.04
N VAL B 20 1.14 8.31 -9.14
CA VAL B 20 2.13 9.37 -9.36
C VAL B 20 1.44 10.75 -9.45
N VAL B 21 0.35 10.81 -10.20
CA VAL B 21 -0.37 12.07 -10.40
C VAL B 21 -0.91 12.57 -9.09
N GLY B 22 -1.41 11.64 -8.27
CA GLY B 22 -1.89 12.03 -6.96
C GLY B 22 -0.82 12.68 -6.08
N TYR B 23 0.39 12.15 -6.06
CA TYR B 23 1.43 12.75 -5.24
C TYR B 23 1.83 14.11 -5.86
N ASP B 24 1.92 14.17 -7.20
CA ASP B 24 2.30 15.46 -7.80
C ASP B 24 1.19 16.51 -7.63
N GLY B 25 -0.03 16.04 -7.30
CA GLY B 25 -1.14 16.93 -7.04
C GLY B 25 -1.12 17.44 -5.60
N GLY B 26 -0.17 16.96 -4.79
CA GLY B 26 -0.09 17.43 -3.42
C GLY B 26 -0.47 16.49 -2.27
N ALA B 27 -0.97 15.30 -2.58
CA ALA B 27 -1.29 14.38 -1.47
C ALA B 27 0.00 14.07 -0.70
N ASP B 28 -0.10 13.97 0.63
CA ASP B 28 1.07 13.62 1.46
C ASP B 28 1.20 12.08 1.51
N HIS B 29 0.08 11.36 1.40
CA HIS B 29 0.09 9.90 1.43
C HIS B 29 -1.08 9.36 0.62
N ILE B 30 -0.84 8.28 -0.11
CA ILE B 30 -1.92 7.67 -0.89
C ILE B 30 -2.00 6.21 -0.47
N THR B 31 -3.19 5.76 -0.09
CA THR B 31 -3.40 4.38 0.33
C THR B 31 -4.40 3.79 -0.66
N GLY B 32 -3.98 2.76 -1.39
CA GLY B 32 -4.84 2.18 -2.42
C GLY B 32 -5.39 0.79 -2.20
N TYR B 33 -6.57 0.55 -2.77
CA TYR B 33 -7.30 -0.71 -2.69
C TYR B 33 -7.77 -1.15 -4.07
N GLY B 34 -7.64 -2.45 -4.37
CA GLY B 34 -8.12 -3.00 -5.62
C GLY B 34 -9.39 -3.82 -5.37
N ASN B 35 -10.04 -4.26 -6.46
CA ASN B 35 -11.29 -5.03 -6.41
C ASN B 35 -12.36 -4.38 -5.54
N VAL B 36 -12.47 -3.06 -5.62
CA VAL B 36 -13.48 -2.32 -4.85
C VAL B 36 -14.84 -2.47 -5.55
N THR B 37 -15.90 -2.69 -4.79
CA THR B 37 -17.22 -2.83 -5.37
C THR B 37 -18.19 -1.91 -4.65
N PRO B 38 -19.41 -1.77 -5.17
CA PRO B 38 -20.37 -0.90 -4.49
C PRO B 38 -20.70 -1.43 -3.10
N ASP B 39 -20.52 -2.73 -2.88
CA ASP B 39 -20.82 -3.29 -1.56
C ASP B 39 -19.72 -3.16 -0.53
N ASN B 40 -18.46 -3.29 -0.95
CA ASN B 40 -17.39 -3.19 0.04
C ASN B 40 -16.82 -1.81 0.28
N VAL B 41 -17.14 -0.84 -0.58
CA VAL B 41 -16.62 0.52 -0.44
C VAL B 41 -17.20 1.27 0.76
N GLY B 42 -18.43 0.92 1.15
CA GLY B 42 -19.04 1.61 2.28
C GLY B 42 -18.18 1.58 3.54
N ALA B 43 -17.65 0.42 3.88
CA ALA B 43 -16.80 0.32 5.08
C ALA B 43 -15.53 1.16 4.92
N TYR B 44 -14.98 1.24 3.71
CA TYR B 44 -13.80 2.06 3.50
C TYR B 44 -14.18 3.53 3.72
N VAL B 45 -15.33 3.95 3.19
CA VAL B 45 -15.70 5.36 3.36
C VAL B 45 -15.89 5.76 4.83
N ASP B 46 -16.44 4.85 5.64
CA ASP B 46 -16.62 5.14 7.07
C ASP B 46 -15.28 5.51 7.70
N GLY B 47 -14.22 4.83 7.28
CA GLY B 47 -12.90 5.13 7.83
C GLY B 47 -12.44 6.55 7.52
N THR B 48 -12.99 7.15 6.45
CA THR B 48 -12.57 8.52 6.10
C THR B 48 -13.44 9.59 6.75
N ILE B 49 -14.67 9.23 7.11
CA ILE B 49 -15.57 10.21 7.70
C ILE B 49 -15.70 10.23 9.23
N TYR B 50 -15.20 9.20 9.91
CA TYR B 50 -15.32 9.18 11.37
C TYR B 50 -13.99 9.27 12.12
N THR B 51 -12.91 9.64 11.42
CA THR B 51 -11.61 9.70 12.07
C THR B 51 -11.02 11.11 12.27
N ARG B 52 -11.66 12.12 11.66
CA ARG B 52 -11.19 13.49 11.81
C ARG B 52 -12.42 14.40 11.91
N GLY B 53 -12.27 15.55 12.55
CA GLY B 53 -13.41 16.45 12.66
C GLY B 53 -13.07 17.89 12.31
N GLY B 54 -14.09 18.74 12.21
CA GLY B 54 -13.86 20.14 11.90
C GLY B 54 -12.94 20.41 10.71
N LYS B 55 -12.00 21.34 10.91
CA LYS B 55 -11.06 21.74 9.88
C LYS B 55 -10.16 20.59 9.38
N GLU B 56 -9.97 19.57 10.24
N GLU B 56 -9.94 19.58 10.22
CA GLU B 56 -9.14 18.40 9.91
CA GLU B 56 -9.08 18.47 9.81
C GLU B 56 -9.71 17.61 8.75
C GLU B 56 -9.71 17.56 8.76
N LYS B 57 -11.04 17.54 8.68
CA LYS B 57 -11.73 16.72 7.67
C LYS B 57 -11.30 16.98 6.22
N GLN B 58 -11.07 18.24 5.88
CA GLN B 58 -10.69 18.55 4.51
C GLN B 58 -9.34 17.97 4.12
N SER B 59 -8.61 17.43 5.08
CA SER B 59 -7.29 16.84 4.79
C SER B 59 -7.34 15.34 4.43
N THR B 60 -8.53 14.78 4.34
CA THR B 60 -8.70 13.37 3.88
C THR B 60 -9.59 13.46 2.62
N ALA B 61 -9.31 12.67 1.58
CA ALA B 61 -10.14 12.73 0.36
C ALA B 61 -10.18 11.36 -0.33
N ILE B 62 -11.10 11.20 -1.29
CA ILE B 62 -11.28 9.93 -2.01
C ILE B 62 -11.18 10.05 -3.53
N PHE B 63 -10.52 9.09 -4.17
CA PHE B 63 -10.37 9.08 -5.64
C PHE B 63 -10.80 7.69 -6.13
N VAL B 64 -11.75 7.63 -7.06
CA VAL B 64 -12.23 6.36 -7.63
C VAL B 64 -11.73 6.23 -9.08
N GLY B 65 -11.05 5.13 -9.38
CA GLY B 65 -10.52 4.90 -10.72
C GLY B 65 -10.60 3.44 -11.13
N GLY B 66 -9.97 3.11 -12.26
CA GLY B 66 -10.01 1.73 -12.75
C GLY B 66 -10.28 1.76 -14.25
N GLY B 67 -10.18 0.61 -14.93
CA GLY B 67 -10.37 0.60 -16.38
C GLY B 67 -11.78 0.64 -16.94
N ASP B 68 -12.77 0.26 -16.14
CA ASP B 68 -14.18 0.19 -16.54
C ASP B 68 -14.97 1.38 -15.98
N MET B 69 -15.37 2.32 -16.86
CA MET B 69 -16.10 3.52 -16.43
C MET B 69 -17.42 3.19 -15.73
N ALA B 70 -18.16 2.22 -16.25
CA ALA B 70 -19.45 1.82 -15.66
C ALA B 70 -19.26 1.35 -14.23
N ALA B 71 -18.22 0.55 -14.00
CA ALA B 71 -17.94 0.02 -12.68
C ALA B 71 -17.57 1.17 -11.75
N GLY B 72 -16.76 2.09 -12.26
CA GLY B 72 -16.35 3.25 -11.47
C GLY B 72 -17.53 4.11 -11.07
N GLU B 73 -18.46 4.32 -12.00
CA GLU B 73 -19.64 5.12 -11.69
C GLU B 73 -20.47 4.47 -10.59
N ARG B 74 -20.61 3.14 -10.62
CA ARG B 74 -21.40 2.44 -9.58
C ARG B 74 -20.72 2.63 -8.22
N VAL B 75 -19.40 2.49 -8.17
CA VAL B 75 -18.68 2.67 -6.92
C VAL B 75 -18.77 4.12 -6.43
N PHE B 76 -18.62 5.08 -7.34
CA PHE B 76 -18.68 6.51 -6.99
C PHE B 76 -20.06 6.85 -6.40
N GLU B 77 -21.12 6.28 -6.95
CA GLU B 77 -22.44 6.56 -6.39
C GLU B 77 -22.56 5.96 -4.99
N ALA B 78 -21.93 4.81 -4.78
CA ALA B 78 -21.97 4.17 -3.47
C ALA B 78 -21.23 5.02 -2.46
N VAL B 79 -20.15 5.66 -2.92
CA VAL B 79 -19.41 6.53 -2.04
C VAL B 79 -20.27 7.72 -1.58
N LYS B 80 -20.86 8.45 -2.53
CA LYS B 80 -21.70 9.59 -2.19
C LYS B 80 -22.89 9.17 -1.31
N LYS B 81 -23.41 7.97 -1.54
CA LYS B 81 -24.55 7.46 -0.77
C LYS B 81 -24.17 7.19 0.70
N ARG B 82 -22.90 6.91 0.96
CA ARG B 82 -22.47 6.62 2.33
C ARG B 82 -22.39 7.88 3.18
N PHE B 83 -22.14 9.04 2.57
CA PHE B 83 -22.06 10.26 3.36
C PHE B 83 -23.39 10.54 4.06
N PHE B 84 -23.32 11.21 5.21
CA PHE B 84 -24.52 11.55 5.99
C PHE B 84 -24.26 12.81 6.78
N GLY B 85 -25.06 13.85 6.53
CA GLY B 85 -24.88 15.11 7.24
C GLY B 85 -23.51 15.71 7.04
N PRO B 86 -22.80 16.08 8.11
CA PRO B 86 -21.48 16.68 7.99
C PRO B 86 -20.37 15.62 7.83
N PHE B 87 -20.75 14.35 7.91
CA PHE B 87 -19.77 13.28 7.76
C PHE B 87 -19.55 13.00 6.27
N ARG B 88 -18.57 13.69 5.68
CA ARG B 88 -18.26 13.53 4.25
C ARG B 88 -16.88 14.11 3.99
N VAL B 89 -16.30 13.75 2.84
CA VAL B 89 -15.01 14.31 2.43
C VAL B 89 -15.13 14.54 0.92
N SER B 90 -14.19 15.28 0.36
CA SER B 90 -14.21 15.53 -1.07
C SER B 90 -13.92 14.23 -1.82
N CYS B 91 -14.47 14.07 -3.01
CA CYS B 91 -14.22 12.86 -3.80
C CYS B 91 -14.10 13.17 -5.28
N MET B 92 -13.41 12.30 -6.02
CA MET B 92 -13.21 12.49 -7.45
C MET B 92 -13.36 11.14 -8.13
N LEU B 93 -13.85 11.17 -9.38
CA LEU B 93 -14.02 9.99 -10.21
C LEU B 93 -13.26 10.18 -11.52
N ASP B 94 -12.38 9.25 -11.88
CA ASP B 94 -11.66 9.38 -13.15
C ASP B 94 -11.19 8.03 -13.75
N SER B 95 -12.11 7.06 -13.76
CA SER B 95 -11.83 5.72 -14.31
C SER B 95 -11.24 5.81 -15.75
N ASN B 96 -10.09 5.18 -15.95
CA ASN B 96 -9.37 5.16 -17.22
C ASN B 96 -9.10 6.57 -17.76
N GLY B 97 -9.14 7.56 -16.88
CA GLY B 97 -8.89 8.94 -17.28
C GLY B 97 -9.94 9.54 -18.19
N SER B 98 -11.13 8.96 -18.22
CA SER B 98 -12.20 9.45 -19.10
C SER B 98 -12.72 10.86 -18.84
N ASN B 99 -12.79 11.25 -17.57
CA ASN B 99 -13.29 12.58 -17.24
C ASN B 99 -12.25 13.65 -17.54
N THR B 100 -11.01 13.42 -17.10
CA THR B 100 -9.99 14.44 -17.33
C THR B 100 -9.64 14.55 -18.81
N THR B 101 -9.74 13.44 -19.54
CA THR B 101 -9.43 13.47 -20.97
C THR B 101 -10.50 14.24 -21.76
N ALA B 102 -11.76 13.92 -21.52
CA ALA B 102 -12.85 14.58 -22.21
C ALA B 102 -12.92 16.05 -21.84
N ALA B 103 -12.64 16.38 -20.58
CA ALA B 103 -12.67 17.78 -20.13
C ALA B 103 -11.55 18.62 -20.75
N ALA B 104 -10.35 18.06 -20.86
CA ALA B 104 -9.24 18.79 -21.48
C ALA B 104 -9.54 19.01 -22.98
N GLY B 105 -10.03 17.97 -23.65
CA GLY B 105 -10.34 18.09 -25.07
C GLY B 105 -11.38 19.15 -25.38
N VAL B 106 -12.51 19.10 -24.69
CA VAL B 106 -13.56 20.08 -24.94
C VAL B 106 -13.10 21.49 -24.54
N ALA B 107 -12.42 21.61 -23.41
CA ALA B 107 -11.94 22.91 -22.95
C ALA B 107 -11.01 23.56 -23.98
N LEU B 108 -10.14 22.77 -24.58
CA LEU B 108 -9.22 23.31 -25.59
C LEU B 108 -9.93 23.75 -26.87
N VAL B 109 -10.90 22.96 -27.31
CA VAL B 109 -11.66 23.29 -28.49
C VAL B 109 -12.53 24.53 -28.25
N VAL B 110 -13.20 24.61 -27.11
CA VAL B 110 -14.04 25.77 -26.84
C VAL B 110 -13.20 27.04 -26.74
N LYS B 111 -12.01 26.93 -26.16
CA LYS B 111 -11.16 28.09 -26.07
C LYS B 111 -10.69 28.54 -27.45
N ALA B 112 -10.26 27.58 -28.28
CA ALA B 112 -9.77 27.94 -29.60
C ALA B 112 -10.88 28.46 -30.51
N ALA B 113 -12.13 28.12 -30.18
CA ALA B 113 -13.27 28.59 -30.96
C ALA B 113 -13.64 30.04 -30.58
N GLY B 114 -12.96 30.60 -29.59
CA GLY B 114 -13.26 31.95 -29.15
C GLY B 114 -13.95 32.06 -27.80
N GLY B 115 -14.28 30.93 -27.19
CA GLY B 115 -14.93 30.95 -25.89
C GLY B 115 -16.39 30.61 -25.84
N SER B 116 -17.07 30.57 -27.00
CA SER B 116 -18.50 30.22 -27.05
C SER B 116 -18.81 29.37 -28.28
N VAL B 117 -19.58 28.30 -28.09
CA VAL B 117 -19.94 27.42 -29.17
C VAL B 117 -21.45 27.26 -29.19
N LYS B 118 -22.12 28.18 -28.51
CA LYS B 118 -23.56 28.18 -28.41
C LYS B 118 -24.16 28.15 -29.82
N GLY B 119 -25.05 27.20 -30.05
CA GLY B 119 -25.70 27.09 -31.35
C GLY B 119 -24.88 26.57 -32.52
N LYS B 120 -23.68 26.08 -32.28
CA LYS B 120 -22.87 25.56 -33.37
C LYS B 120 -22.97 24.03 -33.44
N LYS B 121 -22.71 23.46 -34.60
CA LYS B 121 -22.83 22.01 -34.74
C LYS B 121 -21.53 21.29 -34.45
N ALA B 122 -21.61 20.31 -33.55
CA ALA B 122 -20.46 19.51 -33.18
C ALA B 122 -20.81 18.04 -33.38
N VAL B 123 -19.91 17.32 -34.04
CA VAL B 123 -20.09 15.90 -34.34
C VAL B 123 -19.01 15.07 -33.64
N VAL B 124 -19.44 14.07 -32.87
CA VAL B 124 -18.50 13.18 -32.18
C VAL B 124 -18.60 11.79 -32.80
N LEU B 125 -17.58 11.44 -33.60
CA LEU B 125 -17.52 10.15 -34.27
C LEU B 125 -17.10 9.08 -33.27
N ALA B 126 -17.70 7.88 -33.38
CA ALA B 126 -17.41 6.76 -32.47
C ALA B 126 -17.56 7.30 -31.04
N GLY B 127 -18.63 8.05 -30.83
CA GLY B 127 -18.84 8.65 -29.53
C GLY B 127 -19.58 7.81 -28.51
N THR B 128 -19.64 6.50 -28.72
CA THR B 128 -20.35 5.61 -27.80
C THR B 128 -19.52 5.09 -26.62
N GLY B 129 -18.24 5.42 -26.58
CA GLY B 129 -17.41 4.99 -25.47
C GLY B 129 -17.45 6.05 -24.37
N PRO B 130 -16.77 5.85 -23.23
CA PRO B 130 -16.76 6.81 -22.13
C PRO B 130 -16.29 8.22 -22.52
N VAL B 131 -15.22 8.30 -23.30
CA VAL B 131 -14.66 9.61 -23.70
C VAL B 131 -15.58 10.36 -24.67
N GLY B 132 -16.17 9.62 -25.61
CA GLY B 132 -17.09 10.24 -26.56
C GLY B 132 -18.34 10.72 -25.85
N MET B 133 -18.82 9.92 -24.92
CA MET B 133 -20.03 10.26 -24.19
C MET B 133 -19.83 11.50 -23.32
N ARG B 134 -18.75 11.52 -22.56
CA ARG B 134 -18.48 12.67 -21.69
C ARG B 134 -18.26 13.93 -22.55
N SER B 135 -17.56 13.78 -23.66
CA SER B 135 -17.31 14.93 -24.55
C SER B 135 -18.65 15.50 -25.02
N ALA B 136 -19.55 14.62 -25.50
CA ALA B 136 -20.85 15.06 -25.98
C ALA B 136 -21.59 15.83 -24.87
N ALA B 137 -21.52 15.31 -23.65
CA ALA B 137 -22.18 15.96 -22.53
C ALA B 137 -21.70 17.38 -22.30
N LEU B 138 -20.38 17.54 -22.27
CA LEU B 138 -19.79 18.83 -22.02
C LEU B 138 -20.08 19.83 -23.14
N LEU B 139 -20.05 19.38 -24.39
CA LEU B 139 -20.34 20.25 -25.52
C LEU B 139 -21.79 20.71 -25.44
N ALA B 140 -22.70 19.77 -25.15
CA ALA B 140 -24.13 20.08 -25.04
C ALA B 140 -24.40 21.07 -23.92
N GLY B 141 -23.65 20.97 -22.83
CA GLY B 141 -23.84 21.91 -21.74
C GLY B 141 -23.36 23.29 -22.12
N GLU B 142 -22.48 23.37 -23.11
CA GLU B 142 -22.00 24.67 -23.53
C GLU B 142 -22.95 25.28 -24.56
N GLY B 143 -23.98 24.52 -24.93
CA GLY B 143 -24.96 25.01 -25.88
C GLY B 143 -24.82 24.56 -27.33
N ALA B 144 -23.79 23.79 -27.64
CA ALA B 144 -23.60 23.30 -29.01
C ALA B 144 -24.63 22.25 -29.40
N GLU B 145 -24.86 22.11 -30.70
CA GLU B 145 -25.79 21.10 -31.23
C GLU B 145 -24.93 19.86 -31.42
N VAL B 146 -25.16 18.82 -30.63
CA VAL B 146 -24.32 17.64 -30.75
C VAL B 146 -24.98 16.39 -31.35
N VAL B 147 -24.23 15.73 -32.26
CA VAL B 147 -24.67 14.50 -32.91
C VAL B 147 -23.65 13.40 -32.58
N LEU B 148 -24.08 12.42 -31.79
CA LEU B 148 -23.22 11.30 -31.38
C LEU B 148 -23.40 10.14 -32.35
N CYS B 149 -22.31 9.76 -33.03
CA CYS B 149 -22.34 8.71 -34.04
C CYS B 149 -21.66 7.40 -33.67
N GLY B 150 -22.15 6.32 -34.25
CA GLY B 150 -21.59 5.01 -34.02
C GLY B 150 -22.01 4.10 -35.15
N ARG B 151 -21.44 2.90 -35.21
CA ARG B 151 -21.77 1.95 -36.27
C ARG B 151 -23.21 1.42 -36.27
N LYS B 152 -23.90 1.51 -35.14
CA LYS B 152 -25.26 1.01 -35.07
C LYS B 152 -26.20 1.95 -34.29
N LEU B 153 -27.17 2.50 -35.00
CA LEU B 153 -28.12 3.43 -34.40
C LEU B 153 -28.58 3.02 -33.00
N ASP B 154 -28.78 1.72 -32.85
N ASP B 154 -28.82 1.72 -32.81
CA ASP B 154 -29.22 1.09 -31.60
CA ASP B 154 -29.29 1.21 -31.52
C ASP B 154 -28.38 1.58 -30.42
C ASP B 154 -28.36 1.62 -30.37
N LYS B 155 -27.08 1.27 -30.49
CA LYS B 155 -26.10 1.60 -29.46
C LYS B 155 -25.85 3.11 -29.35
N ALA B 156 -25.88 3.80 -30.49
CA ALA B 156 -25.65 5.24 -30.51
C ALA B 156 -26.79 6.00 -29.83
N GLN B 157 -28.02 5.53 -30.02
CA GLN B 157 -29.14 6.22 -29.41
C GLN B 157 -29.19 5.95 -27.91
N ALA B 158 -28.67 4.80 -27.50
CA ALA B 158 -28.64 4.44 -26.09
C ALA B 158 -27.56 5.30 -25.39
N ALA B 159 -26.44 5.50 -26.06
CA ALA B 159 -25.35 6.31 -25.52
C ALA B 159 -25.87 7.73 -25.34
N ALA B 160 -26.61 8.21 -26.32
CA ALA B 160 -27.18 9.55 -26.28
C ALA B 160 -28.20 9.67 -25.14
N ASP B 161 -29.08 8.67 -25.01
CA ASP B 161 -30.09 8.72 -23.94
C ASP B 161 -29.43 8.77 -22.56
N SER B 162 -28.40 7.95 -22.39
CA SER B 162 -27.65 7.90 -21.13
C SER B 162 -27.14 9.32 -20.80
N VAL B 163 -26.40 9.90 -21.74
CA VAL B 163 -25.87 11.25 -21.56
C VAL B 163 -26.98 12.26 -21.25
N ASN B 164 -28.06 12.19 -22.03
CA ASN B 164 -29.16 13.13 -21.85
C ASN B 164 -29.77 13.09 -20.46
N LYS B 165 -29.92 11.90 -19.91
CA LYS B 165 -30.52 11.80 -18.59
C LYS B 165 -29.56 12.22 -17.48
N ARG B 166 -28.31 11.76 -17.56
CA ARG B 166 -27.30 12.09 -16.55
C ARG B 166 -26.96 13.58 -16.49
N PHE B 167 -26.85 14.22 -17.66
CA PHE B 167 -26.48 15.63 -17.72
C PHE B 167 -27.56 16.64 -18.10
N LYS B 168 -28.80 16.16 -18.23
CA LYS B 168 -29.92 17.03 -18.57
C LYS B 168 -29.69 17.90 -19.80
N VAL B 169 -29.37 17.25 -20.92
CA VAL B 169 -29.12 17.93 -22.18
C VAL B 169 -29.84 17.16 -23.29
N ASN B 170 -29.67 17.58 -24.54
CA ASN B 170 -30.34 16.91 -25.64
C ASN B 170 -29.48 16.56 -26.84
N VAL B 171 -28.60 15.58 -26.65
CA VAL B 171 -27.71 15.10 -27.69
C VAL B 171 -28.54 14.20 -28.63
N THR B 172 -28.31 14.28 -29.94
CA THR B 172 -29.04 13.40 -30.87
C THR B 172 -28.07 12.34 -31.39
N ALA B 173 -28.60 11.25 -31.95
CA ALA B 173 -27.76 10.16 -32.45
C ALA B 173 -27.84 9.94 -33.95
N ALA B 174 -26.85 9.24 -34.49
CA ALA B 174 -26.80 8.94 -35.91
C ALA B 174 -25.93 7.72 -36.16
N GLU B 175 -26.29 6.96 -37.19
CA GLU B 175 -25.59 5.74 -37.56
C GLU B 175 -24.60 6.00 -38.71
N THR B 176 -23.35 5.60 -38.50
CA THR B 176 -22.31 5.75 -39.50
C THR B 176 -21.47 4.47 -39.47
N ALA B 177 -21.92 3.46 -40.22
CA ALA B 177 -21.24 2.18 -40.25
C ALA B 177 -20.03 2.07 -41.17
N ASP B 178 -19.83 3.04 -42.06
CA ASP B 178 -18.66 2.99 -42.95
C ASP B 178 -18.05 4.37 -43.21
N ASP B 179 -16.87 4.38 -43.82
CA ASP B 179 -16.16 5.63 -44.13
C ASP B 179 -17.07 6.66 -44.75
N ALA B 180 -17.68 6.29 -45.87
CA ALA B 180 -18.57 7.17 -46.59
C ALA B 180 -19.62 7.84 -45.68
N SER B 181 -20.28 7.05 -44.84
N SER B 181 -20.28 7.05 -44.84
CA SER B 181 -21.30 7.59 -43.95
CA SER B 181 -21.29 7.59 -43.94
C SER B 181 -20.67 8.56 -42.94
C SER B 181 -20.67 8.57 -42.95
N ARG B 182 -19.46 8.24 -42.50
CA ARG B 182 -18.74 9.09 -41.54
C ARG B 182 -18.44 10.44 -42.21
N ALA B 183 -17.84 10.39 -43.40
CA ALA B 183 -17.48 11.59 -44.14
C ALA B 183 -18.72 12.45 -44.39
N GLU B 184 -19.84 11.76 -44.59
N GLU B 184 -19.85 11.78 -44.60
CA GLU B 184 -21.13 12.42 -44.83
CA GLU B 184 -21.11 12.50 -44.84
C GLU B 184 -21.62 13.16 -43.59
C GLU B 184 -21.63 13.17 -43.58
N ALA B 185 -21.52 12.50 -42.44
CA ALA B 185 -21.98 13.05 -41.17
C ALA B 185 -21.29 14.35 -40.73
N VAL B 186 -20.07 14.60 -41.19
CA VAL B 186 -19.36 15.81 -40.80
C VAL B 186 -19.63 17.04 -41.66
N LYS B 187 -20.42 16.91 -42.71
CA LYS B 187 -20.70 18.07 -43.56
C LYS B 187 -21.60 19.05 -42.83
N GLY B 188 -21.22 20.33 -42.86
CA GLY B 188 -22.03 21.32 -42.19
C GLY B 188 -21.65 21.49 -40.73
N ALA B 189 -20.75 20.65 -40.21
CA ALA B 189 -20.32 20.73 -38.81
C ALA B 189 -19.20 21.77 -38.60
N HIS B 190 -19.17 22.38 -37.42
CA HIS B 190 -18.15 23.37 -37.10
C HIS B 190 -16.99 22.73 -36.35
N PHE B 191 -17.33 21.75 -35.51
CA PHE B 191 -16.34 21.06 -34.69
C PHE B 191 -16.53 19.53 -34.80
N VAL B 192 -15.44 18.82 -35.00
CA VAL B 192 -15.47 17.36 -35.13
C VAL B 192 -14.51 16.71 -34.16
N PHE B 193 -15.00 15.72 -33.40
CA PHE B 193 -14.18 14.98 -32.44
C PHE B 193 -14.19 13.48 -32.84
N THR B 194 -13.04 12.81 -32.77
CA THR B 194 -12.98 11.37 -33.04
C THR B 194 -12.61 10.73 -31.69
N ALA B 195 -13.54 9.96 -31.13
CA ALA B 195 -13.34 9.31 -29.84
C ALA B 195 -13.34 7.78 -30.01
N GLY B 196 -12.74 7.31 -31.09
CA GLY B 196 -12.70 5.89 -31.38
C GLY B 196 -11.71 5.08 -30.59
N ALA B 197 -11.96 3.76 -30.54
CA ALA B 197 -11.07 2.84 -29.83
C ALA B 197 -9.68 3.05 -30.40
N ILE B 198 -8.67 2.70 -29.61
CA ILE B 198 -7.27 2.86 -29.96
C ILE B 198 -6.82 2.17 -31.25
N GLY B 199 -5.94 2.84 -32.00
CA GLY B 199 -5.41 2.33 -33.25
C GLY B 199 -6.30 2.32 -34.49
N LEU B 200 -7.37 3.12 -34.49
CA LEU B 200 -8.28 3.17 -35.65
C LEU B 200 -8.40 4.56 -36.27
N GLU B 201 -8.47 4.63 -37.59
CA GLU B 201 -8.65 5.92 -38.28
C GLU B 201 -10.14 6.04 -38.55
N LEU B 202 -10.72 7.22 -38.30
CA LEU B 202 -12.15 7.43 -38.51
C LEU B 202 -12.46 8.60 -39.45
N LEU B 203 -11.48 9.48 -39.64
CA LEU B 203 -11.66 10.65 -40.49
C LEU B 203 -10.40 11.00 -41.30
N PRO B 204 -10.27 10.41 -42.50
CA PRO B 204 -9.11 10.68 -43.37
C PRO B 204 -9.00 12.17 -43.72
N GLN B 205 -7.77 12.58 -44.03
CA GLN B 205 -7.48 13.96 -44.41
C GLN B 205 -8.52 14.53 -45.39
N ALA B 206 -8.92 13.73 -46.37
CA ALA B 206 -9.88 14.13 -47.39
C ALA B 206 -11.32 14.26 -46.91
N ALA B 207 -11.60 13.89 -45.67
CA ALA B 207 -12.96 13.98 -45.17
C ALA B 207 -13.23 15.24 -44.37
N TRP B 208 -12.19 16.01 -44.05
CA TRP B 208 -12.37 17.25 -43.29
C TRP B 208 -11.71 18.52 -43.85
N GLN B 209 -10.53 18.42 -44.42
CA GLN B 209 -9.85 19.61 -44.93
C GLN B 209 -10.56 20.35 -46.05
N ASN B 210 -11.53 19.71 -46.71
CA ASN B 210 -12.26 20.36 -47.80
C ASN B 210 -13.69 20.76 -47.44
N GLU B 211 -14.04 20.67 -46.15
CA GLU B 211 -15.37 21.07 -45.70
C GLU B 211 -15.16 22.46 -45.10
N SER B 212 -15.73 23.47 -45.76
N SER B 212 -15.73 23.48 -45.75
CA SER B 212 -15.59 24.85 -45.31
CA SER B 212 -15.58 24.85 -45.30
C SER B 212 -16.14 25.14 -43.91
C SER B 212 -16.14 25.14 -43.91
N SER B 213 -17.27 24.52 -43.56
CA SER B 213 -17.89 24.75 -42.26
C SER B 213 -17.05 24.36 -41.05
N ILE B 214 -16.16 23.39 -41.24
CA ILE B 214 -15.35 22.92 -40.13
C ILE B 214 -14.26 23.90 -39.71
N GLU B 215 -14.27 24.25 -38.42
CA GLU B 215 -13.27 25.16 -37.86
C GLU B 215 -12.17 24.44 -37.07
N ILE B 216 -12.56 23.43 -36.28
CA ILE B 216 -11.60 22.74 -35.41
C ILE B 216 -11.87 21.23 -35.33
N VAL B 217 -10.82 20.41 -35.40
CA VAL B 217 -10.97 18.97 -35.26
C VAL B 217 -10.11 18.51 -34.06
N ALA B 218 -10.56 17.47 -33.35
CA ALA B 218 -9.82 16.99 -32.16
C ALA B 218 -9.90 15.46 -32.14
N ASP B 219 -8.77 14.81 -31.87
CA ASP B 219 -8.65 13.34 -31.88
C ASP B 219 -8.10 12.82 -30.52
N TYR B 220 -8.75 11.81 -29.94
CA TYR B 220 -8.33 11.25 -28.65
C TYR B 220 -7.47 9.98 -28.79
N ASN B 221 -7.40 9.45 -30.01
CA ASN B 221 -6.60 8.25 -30.27
C ASN B 221 -5.14 8.62 -30.53
N ALA B 222 -4.25 8.16 -29.66
CA ALA B 222 -2.83 8.47 -29.81
C ALA B 222 -2.01 7.39 -30.51
N GLN B 223 -2.63 6.27 -30.88
CA GLN B 223 -1.88 5.18 -31.53
C GLN B 223 -2.13 5.12 -33.05
N PRO B 224 -1.06 5.26 -33.85
CA PRO B 224 -1.15 5.22 -35.31
C PRO B 224 -1.74 3.91 -35.80
N PRO B 225 -2.68 3.96 -36.76
CA PRO B 225 -3.23 5.13 -37.44
C PRO B 225 -4.15 5.99 -36.56
N LEU B 226 -3.84 7.27 -36.45
CA LEU B 226 -4.62 8.20 -35.64
C LEU B 226 -6.07 8.29 -36.11
N GLY B 227 -6.96 8.77 -35.23
CA GLY B 227 -8.37 8.89 -35.59
C GLY B 227 -8.59 9.87 -36.72
N ILE B 228 -7.73 10.88 -36.79
CA ILE B 228 -7.79 11.90 -37.83
C ILE B 228 -6.53 11.86 -38.68
N GLY B 229 -6.72 11.79 -39.99
CA GLY B 229 -5.57 11.75 -40.87
C GLY B 229 -5.09 13.14 -41.20
N GLY B 230 -3.78 13.26 -41.44
CA GLY B 230 -3.20 14.54 -41.78
C GLY B 230 -2.67 15.37 -40.63
N ILE B 231 -2.68 14.85 -39.41
CA ILE B 231 -2.18 15.62 -38.26
C ILE B 231 -1.19 14.79 -37.46
N ASP B 232 -0.55 15.41 -36.47
CA ASP B 232 0.36 14.64 -35.63
C ASP B 232 -0.32 14.57 -34.27
N ALA B 233 -0.03 13.53 -33.51
CA ALA B 233 -0.65 13.36 -32.21
C ALA B 233 -0.32 14.52 -31.27
N THR B 234 0.82 15.16 -31.47
CA THR B 234 1.25 16.28 -30.63
C THR B 234 0.64 17.63 -31.02
N ASP B 235 -0.10 17.68 -32.12
CA ASP B 235 -0.69 18.95 -32.53
C ASP B 235 -1.57 19.50 -31.44
N LYS B 236 -1.44 20.81 -31.19
CA LYS B 236 -2.26 21.46 -30.16
C LYS B 236 -2.70 22.82 -30.73
N GLY B 237 -3.68 22.82 -31.60
CA GLY B 237 -4.13 24.07 -32.17
C GLY B 237 -3.39 24.45 -33.45
N LYS B 238 -2.53 23.57 -33.94
CA LYS B 238 -1.78 23.81 -35.18
C LYS B 238 -2.74 24.10 -36.32
N GLU B 239 -2.40 25.09 -37.14
CA GLU B 239 -3.23 25.48 -38.26
C GLU B 239 -3.01 24.65 -39.51
N TYR B 240 -4.11 24.24 -40.13
CA TYR B 240 -4.11 23.50 -41.39
C TYR B 240 -5.07 24.26 -42.27
N GLY B 241 -4.54 25.12 -43.13
CA GLY B 241 -5.42 25.92 -43.97
C GLY B 241 -6.11 26.90 -43.04
N GLY B 242 -7.44 26.95 -43.08
CA GLY B 242 -8.11 27.87 -42.17
C GLY B 242 -8.64 27.12 -40.96
N LYS B 243 -8.10 25.94 -40.69
CA LYS B 243 -8.59 25.15 -39.57
C LYS B 243 -7.52 24.86 -38.53
N ARG B 244 -7.96 24.45 -37.33
CA ARG B 244 -7.03 24.12 -36.26
C ARG B 244 -7.28 22.67 -35.83
N ALA B 245 -6.21 21.98 -35.46
CA ALA B 245 -6.30 20.58 -35.03
C ALA B 245 -5.66 20.29 -33.67
N PHE B 246 -6.26 19.37 -32.93
CA PHE B 246 -5.71 18.97 -31.63
C PHE B 246 -5.49 17.46 -31.64
N GLY B 247 -4.24 17.02 -31.46
CA GLY B 247 -3.93 15.61 -31.43
C GLY B 247 -4.06 15.04 -30.02
N ALA B 248 -4.17 13.71 -29.92
CA ALA B 248 -4.34 13.08 -28.61
C ALA B 248 -3.32 13.49 -27.55
N LEU B 249 -2.06 13.62 -27.95
CA LEU B 249 -1.01 14.03 -27.01
C LEU B 249 -1.09 15.52 -26.67
N GLY B 250 -1.53 16.34 -27.61
CA GLY B 250 -1.66 17.76 -27.31
C GLY B 250 -2.74 17.90 -26.26
N ILE B 251 -3.80 17.10 -26.40
CA ILE B 251 -4.89 17.14 -25.44
C ILE B 251 -4.37 16.58 -24.10
N GLY B 252 -3.64 15.48 -24.17
CA GLY B 252 -3.09 14.82 -22.99
C GLY B 252 -2.20 15.65 -22.07
N GLY B 253 -1.51 16.63 -22.65
CA GLY B 253 -0.64 17.49 -21.87
C GLY B 253 -1.45 18.30 -20.87
N LEU B 254 -2.62 18.77 -21.29
CA LEU B 254 -3.49 19.52 -20.38
C LEU B 254 -4.14 18.52 -19.41
N LYS B 255 -4.57 17.38 -19.93
N LYS B 255 -4.55 17.37 -19.93
CA LYS B 255 -5.20 16.36 -19.09
CA LYS B 255 -5.18 16.35 -19.10
C LYS B 255 -4.35 16.04 -17.86
C LYS B 255 -4.33 16.07 -17.87
N LEU B 256 -3.02 15.98 -18.04
CA LEU B 256 -2.13 15.66 -16.91
C LEU B 256 -2.11 16.80 -15.87
N LYS B 257 -1.92 18.03 -16.33
CA LYS B 257 -1.91 19.16 -15.41
C LYS B 257 -3.28 19.31 -14.71
N LEU B 258 -4.34 19.06 -15.45
CA LEU B 258 -5.69 19.15 -14.90
C LEU B 258 -5.90 18.12 -13.77
N HIS B 259 -5.53 16.86 -14.06
CA HIS B 259 -5.67 15.78 -13.09
C HIS B 259 -4.88 16.15 -11.82
N ARG B 260 -3.66 16.67 -11.97
CA ARG B 260 -2.89 17.07 -10.78
C ARG B 260 -3.62 18.18 -10.01
N ALA B 261 -4.15 19.18 -10.73
CA ALA B 261 -4.86 20.29 -10.09
C ALA B 261 -6.16 19.87 -9.37
N CYS B 262 -6.89 18.91 -9.94
CA CYS B 262 -8.10 18.42 -9.28
C CYS B 262 -7.76 17.82 -7.93
N ILE B 263 -6.71 16.99 -7.88
CA ILE B 263 -6.33 16.38 -6.61
C ILE B 263 -6.08 17.47 -5.57
N ALA B 264 -5.35 18.53 -5.95
CA ALA B 264 -5.05 19.58 -4.97
C ALA B 264 -6.34 20.21 -4.42
N LYS B 265 -7.35 20.39 -5.28
CA LYS B 265 -8.63 20.99 -4.86
C LYS B 265 -9.35 20.12 -3.84
N LEU B 266 -9.14 18.81 -3.93
CA LEU B 266 -9.81 17.89 -3.00
C LEU B 266 -9.49 18.21 -1.54
N PHE B 267 -8.30 18.76 -1.30
CA PHE B 267 -7.91 19.10 0.06
C PHE B 267 -8.19 20.55 0.49
N GLU B 268 -8.94 21.30 -0.31
CA GLU B 268 -9.27 22.69 0.03
C GLU B 268 -10.64 22.84 0.71
N SER B 269 -11.38 21.74 0.77
CA SER B 269 -12.68 21.70 1.41
C SER B 269 -13.03 20.22 1.62
N SER B 270 -14.09 19.96 2.37
CA SER B 270 -14.49 18.57 2.62
C SER B 270 -15.81 18.26 1.95
N GLU B 271 -16.21 19.09 0.98
CA GLU B 271 -17.47 18.88 0.28
C GLU B 271 -17.34 18.84 -1.25
N GLY B 272 -16.13 18.81 -1.78
CA GLY B 272 -15.98 18.77 -3.22
C GLY B 272 -16.42 17.49 -3.89
N VAL B 273 -17.02 17.59 -5.08
CA VAL B 273 -17.44 16.41 -5.84
C VAL B 273 -16.93 16.60 -7.27
N PHE B 274 -15.83 15.94 -7.60
CA PHE B 274 -15.25 16.12 -8.93
C PHE B 274 -15.57 15.06 -9.97
N ASP B 275 -16.64 15.29 -10.72
CA ASP B 275 -17.08 14.39 -11.80
C ASP B 275 -16.92 15.29 -13.06
N ALA B 276 -17.48 14.87 -14.18
CA ALA B 276 -17.32 15.62 -15.43
C ALA B 276 -17.57 17.13 -15.36
N GLU B 277 -18.67 17.57 -14.75
CA GLU B 277 -18.95 19.01 -14.70
C GLU B 277 -17.91 19.86 -13.98
N GLU B 278 -17.55 19.47 -12.75
CA GLU B 278 -16.57 20.25 -11.99
C GLU B 278 -15.16 20.16 -12.54
N ILE B 279 -14.79 18.98 -13.03
CA ILE B 279 -13.47 18.80 -13.61
C ILE B 279 -13.39 19.70 -14.86
N TYR B 280 -14.49 19.80 -15.61
CA TYR B 280 -14.50 20.65 -16.81
C TYR B 280 -14.40 22.14 -16.45
N LYS B 281 -15.07 22.55 -15.38
N LYS B 281 -15.07 22.57 -15.37
CA LYS B 281 -15.00 23.95 -14.96
CA LYS B 281 -14.99 23.97 -14.98
C LYS B 281 -13.55 24.35 -14.70
C LYS B 281 -13.55 24.36 -14.69
N LEU B 282 -12.80 23.47 -14.04
CA LEU B 282 -11.40 23.75 -13.75
C LEU B 282 -10.56 23.72 -15.04
N ALA B 283 -10.89 22.79 -15.94
CA ALA B 283 -10.19 22.68 -17.23
C ALA B 283 -10.27 23.99 -17.99
N LYS B 284 -11.43 24.63 -17.96
CA LYS B 284 -11.56 25.91 -18.67
C LYS B 284 -10.65 26.98 -18.07
N GLU B 285 -10.47 26.95 -16.74
CA GLU B 285 -9.60 27.93 -16.07
C GLU B 285 -8.15 27.79 -16.51
N MET B 286 -7.73 26.55 -16.70
CA MET B 286 -6.34 26.22 -17.03
C MET B 286 -5.95 26.09 -18.49
N ALA B 287 -6.92 25.88 -19.38
CA ALA B 287 -6.64 25.68 -20.80
C ALA B 287 -5.81 26.76 -21.49
N SER C 1 15.79 8.74 11.42
CA SER C 1 15.11 7.80 10.49
C SER C 1 13.61 8.08 10.50
N LYS C 2 12.93 7.67 9.43
CA LYS C 2 11.48 7.88 9.34
C LYS C 2 10.75 6.83 10.18
N LYS C 3 9.68 7.27 10.83
N LYS C 3 9.69 7.26 10.84
CA LYS C 3 8.87 6.41 11.69
CA LYS C 3 8.89 6.39 11.69
C LYS C 3 7.98 5.57 10.78
C LYS C 3 7.97 5.56 10.79
N LEU C 4 8.30 4.28 10.66
CA LEU C 4 7.53 3.36 9.81
C LEU C 4 6.61 2.43 10.59
N LEU C 5 5.32 2.48 10.31
CA LEU C 5 4.39 1.59 11.01
C LEU C 5 3.99 0.47 10.05
N PHE C 6 4.08 -0.79 10.49
CA PHE C 6 3.64 -1.90 9.66
C PHE C 6 2.30 -2.42 10.21
N GLN C 7 1.25 -2.31 9.39
CA GLN C 7 -0.11 -2.72 9.75
C GLN C 7 -0.45 -4.12 9.25
N PHE C 8 -0.72 -5.04 10.18
CA PHE C 8 -1.07 -6.42 9.88
C PHE C 8 -2.54 -6.61 10.22
N ASP C 9 -3.37 -6.71 9.19
CA ASP C 9 -4.81 -6.86 9.34
C ASP C 9 -5.22 -8.28 8.96
N THR C 10 -6.08 -8.90 9.78
CA THR C 10 -6.53 -10.27 9.51
C THR C 10 -7.59 -10.37 8.41
N ASP C 11 -8.16 -9.23 8.02
CA ASP C 11 -9.17 -9.23 6.98
C ASP C 11 -8.52 -9.19 5.61
N ALA C 12 -9.35 -9.25 4.56
CA ALA C 12 -8.88 -9.24 3.17
C ALA C 12 -7.99 -8.05 2.80
N THR C 13 -8.36 -6.86 3.27
CA THR C 13 -7.60 -5.63 3.02
C THR C 13 -7.50 -4.87 4.37
N PRO C 14 -6.49 -3.99 4.52
CA PRO C 14 -6.34 -3.23 5.79
C PRO C 14 -7.39 -2.18 6.07
N SER C 15 -7.77 -2.06 7.34
CA SER C 15 -8.76 -1.07 7.79
C SER C 15 -8.37 0.36 7.44
N VAL C 16 -9.27 1.11 6.79
CA VAL C 16 -9.00 2.52 6.45
C VAL C 16 -8.96 3.33 7.76
N PHE C 17 -9.83 3.00 8.69
CA PHE C 17 -9.89 3.71 9.97
C PHE C 17 -8.53 3.68 10.68
N ASP C 18 -7.90 2.50 10.72
CA ASP C 18 -6.62 2.34 11.41
C ASP C 18 -5.47 3.09 10.72
N VAL C 19 -5.57 3.25 9.41
CA VAL C 19 -4.56 3.98 8.64
C VAL C 19 -4.62 5.48 9.00
N VAL C 20 -5.81 6.06 8.97
CA VAL C 20 -5.92 7.50 9.28
C VAL C 20 -5.42 7.80 10.69
N VAL C 21 -5.90 7.02 11.66
CA VAL C 21 -5.48 7.26 13.04
C VAL C 21 -3.97 7.06 13.22
N GLY C 22 -3.40 6.10 12.49
CA GLY C 22 -1.96 5.85 12.55
C GLY C 22 -1.15 7.05 12.07
N TYR C 23 -1.61 7.72 11.01
CA TYR C 23 -0.89 8.92 10.55
C TYR C 23 -1.10 10.08 11.52
N ASP C 24 -2.31 10.23 12.06
CA ASP C 24 -2.57 11.31 13.02
C ASP C 24 -1.85 11.05 14.36
N GLY C 25 -1.40 9.82 14.56
CA GLY C 25 -0.67 9.49 15.77
C GLY C 25 0.82 9.74 15.58
N GLY C 26 1.22 10.18 14.39
CA GLY C 26 2.62 10.47 14.15
C GLY C 26 3.46 9.55 13.26
N ALA C 27 2.87 8.51 12.67
CA ALA C 27 3.66 7.65 11.77
C ALA C 27 4.05 8.48 10.55
N ASP C 28 5.26 8.28 10.01
CA ASP C 28 5.69 9.00 8.81
C ASP C 28 5.25 8.21 7.58
N HIS C 29 5.15 6.88 7.74
CA HIS C 29 4.69 5.98 6.67
C HIS C 29 4.01 4.75 7.25
N ILE C 30 2.92 4.32 6.60
CA ILE C 30 2.22 3.11 7.02
C ILE C 30 2.15 2.14 5.83
N THR C 31 2.64 0.91 6.02
CA THR C 31 2.61 -0.14 5.00
C THR C 31 1.65 -1.23 5.54
N GLY C 32 0.54 -1.45 4.84
CA GLY C 32 -0.44 -2.43 5.30
C GLY C 32 -0.55 -3.74 4.56
N TYR C 33 -0.82 -4.81 5.31
CA TYR C 33 -0.98 -6.16 4.74
C TYR C 33 -2.31 -6.75 5.17
N GLY C 34 -2.99 -7.44 4.26
CA GLY C 34 -4.24 -8.10 4.62
C GLY C 34 -3.98 -9.62 4.66
N ASN C 35 -4.98 -10.41 5.03
CA ASN C 35 -4.81 -11.86 5.07
C ASN C 35 -3.63 -12.34 5.92
N VAL C 36 -3.27 -11.59 6.97
CA VAL C 36 -2.15 -11.97 7.82
C VAL C 36 -2.58 -13.08 8.78
N THR C 37 -1.73 -14.08 8.95
CA THR C 37 -2.01 -15.23 9.81
C THR C 37 -0.84 -15.50 10.74
N PRO C 38 -1.02 -16.38 11.74
CA PRO C 38 0.10 -16.67 12.64
C PRO C 38 1.24 -17.30 11.83
N ASP C 39 0.90 -17.88 10.69
CA ASP C 39 1.90 -18.54 9.85
C ASP C 39 2.73 -17.62 8.95
N ASN C 40 2.10 -16.67 8.28
CA ASN C 40 2.89 -15.82 7.41
C ASN C 40 3.46 -14.55 8.05
N VAL C 41 3.06 -14.25 9.30
CA VAL C 41 3.55 -13.02 9.94
C VAL C 41 5.03 -13.05 10.34
N GLY C 42 5.56 -14.25 10.59
CA GLY C 42 6.96 -14.34 10.97
C GLY C 42 7.91 -13.68 9.98
N ALA C 43 7.73 -13.92 8.69
CA ALA C 43 8.62 -13.33 7.69
C ALA C 43 8.44 -11.83 7.70
N TYR C 44 7.21 -11.37 7.95
CA TYR C 44 6.99 -9.92 8.00
C TYR C 44 7.77 -9.31 9.16
N VAL C 45 7.67 -9.94 10.32
CA VAL C 45 8.35 -9.41 11.51
C VAL C 45 9.86 -9.37 11.29
N ASP C 46 10.41 -10.40 10.63
CA ASP C 46 11.85 -10.43 10.38
C ASP C 46 12.25 -9.14 9.68
N GLY C 47 11.41 -8.68 8.76
CA GLY C 47 11.75 -7.46 8.05
C GLY C 47 11.83 -6.23 8.94
N THR C 48 11.16 -6.25 10.10
CA THR C 48 11.21 -5.09 10.98
C THR C 48 12.33 -5.15 12.04
N ILE C 49 12.88 -6.34 12.28
CA ILE C 49 13.93 -6.49 13.29
C ILE C 49 15.36 -6.68 12.79
N TYR C 50 15.56 -6.85 11.49
CA TYR C 50 16.91 -7.05 10.94
C TYR C 50 17.36 -5.97 9.98
N THR C 51 16.59 -4.89 9.88
CA THR C 51 16.90 -3.83 8.96
C THR C 51 17.44 -2.54 9.56
N ARG C 52 17.29 -2.38 10.87
CA ARG C 52 17.76 -1.18 11.57
C ARG C 52 18.46 -1.57 12.88
N GLY C 53 19.36 -0.72 13.36
CA GLY C 53 20.07 -1.03 14.59
C GLY C 53 20.16 0.14 15.54
N GLY C 54 20.65 -0.14 16.74
CA GLY C 54 20.81 0.91 17.74
C GLY C 54 19.61 1.80 17.99
N LYS C 55 19.81 3.11 17.91
CA LYS C 55 18.74 4.06 18.17
C LYS C 55 17.69 4.14 17.05
N GLU C 56 17.98 3.53 15.89
CA GLU C 56 17.04 3.53 14.78
C GLU C 56 15.98 2.45 14.95
N LYS C 57 16.25 1.45 15.78
N LYS C 57 16.27 1.48 15.82
CA LYS C 57 15.29 0.36 15.97
CA LYS C 57 15.39 0.37 16.11
C LYS C 57 13.92 0.84 16.38
C LYS C 57 13.96 0.81 16.41
N GLN C 58 13.85 1.78 17.31
CA GLN C 58 12.56 2.29 17.76
C GLN C 58 11.77 3.07 16.73
N SER C 59 12.34 3.35 15.57
CA SER C 59 11.62 4.09 14.54
C SER C 59 10.75 3.18 13.63
N THR C 60 10.71 1.90 13.96
CA THR C 60 9.86 0.94 13.23
C THR C 60 8.96 0.32 14.28
N ALA C 61 7.68 0.15 13.97
CA ALA C 61 6.71 -0.42 14.89
C ALA C 61 5.63 -1.26 14.20
N ILE C 62 4.92 -2.09 14.98
CA ILE C 62 3.89 -2.97 14.45
C ILE C 62 2.51 -2.75 15.06
N PHE C 63 1.47 -2.82 14.23
CA PHE C 63 0.08 -2.64 14.68
C PHE C 63 -0.73 -3.82 14.12
N VAL C 64 -1.40 -4.57 14.98
CA VAL C 64 -2.22 -5.70 14.53
C VAL C 64 -3.68 -5.32 14.67
N GLY C 65 -4.43 -5.52 13.60
CA GLY C 65 -5.85 -5.20 13.63
C GLY C 65 -6.71 -6.08 12.76
N GLY C 66 -7.97 -5.71 12.61
CA GLY C 66 -8.89 -6.50 11.82
C GLY C 66 -10.19 -6.70 12.58
N GLY C 67 -11.20 -7.29 11.92
CA GLY C 67 -12.50 -7.45 12.54
C GLY C 67 -12.71 -8.49 13.64
N ASP C 68 -11.94 -9.56 13.60
CA ASP C 68 -12.06 -10.65 14.56
C ASP C 68 -10.97 -10.60 15.62
N MET C 69 -11.38 -10.33 16.86
CA MET C 69 -10.44 -10.24 17.96
C MET C 69 -9.59 -11.50 18.16
N ALA C 70 -10.23 -12.66 18.13
CA ALA C 70 -9.49 -13.92 18.33
C ALA C 70 -8.41 -14.12 17.27
N ALA C 71 -8.73 -13.82 16.02
CA ALA C 71 -7.75 -13.98 14.96
C ALA C 71 -6.60 -13.01 15.22
N GLY C 72 -6.96 -11.80 15.66
CA GLY C 72 -5.95 -10.79 15.97
C GLY C 72 -5.03 -11.22 17.11
N GLU C 73 -5.61 -11.81 18.15
CA GLU C 73 -4.78 -12.25 19.27
C GLU C 73 -3.79 -13.32 18.81
N ARG C 74 -4.22 -14.20 17.92
CA ARG C 74 -3.32 -15.25 17.44
C ARG C 74 -2.14 -14.65 16.71
N VAL C 75 -2.41 -13.68 15.84
CA VAL C 75 -1.33 -13.04 15.11
C VAL C 75 -0.42 -12.29 16.10
N PHE C 76 -1.01 -11.55 17.04
CA PHE C 76 -0.23 -10.79 18.02
C PHE C 76 0.75 -11.68 18.82
N GLU C 77 0.27 -12.86 19.20
CA GLU C 77 1.12 -13.81 19.94
C GLU C 77 2.28 -14.32 19.05
N ALA C 78 1.99 -14.54 17.77
CA ALA C 78 3.00 -14.99 16.82
C ALA C 78 4.06 -13.91 16.60
N VAL C 79 3.63 -12.65 16.64
CA VAL C 79 4.55 -11.53 16.49
C VAL C 79 5.53 -11.49 17.68
N LYS C 80 4.98 -11.59 18.89
CA LYS C 80 5.82 -11.54 20.09
C LYS C 80 6.75 -12.75 20.15
N LYS C 81 6.29 -13.87 19.63
CA LYS C 81 7.06 -15.11 19.62
C LYS C 81 8.26 -15.03 18.67
N ARG C 82 8.16 -14.20 17.64
CA ARG C 82 9.25 -14.09 16.68
C ARG C 82 10.39 -13.23 17.24
N PHE C 83 10.07 -12.34 18.17
CA PHE C 83 11.09 -11.50 18.77
C PHE C 83 12.03 -12.39 19.58
N PHE C 84 13.24 -11.90 19.82
CA PHE C 84 14.22 -12.62 20.65
C PHE C 84 15.36 -11.68 21.01
N GLY C 85 15.68 -11.62 22.30
CA GLY C 85 16.75 -10.75 22.76
C GLY C 85 16.45 -9.30 22.44
N PRO C 86 17.43 -8.57 21.88
CA PRO C 86 17.27 -7.16 21.51
C PRO C 86 16.63 -6.96 20.12
N PHE C 87 16.38 -8.06 19.41
CA PHE C 87 15.74 -8.00 18.09
C PHE C 87 14.24 -7.93 18.28
N ARG C 88 13.72 -6.71 18.43
CA ARG C 88 12.29 -6.51 18.64
C ARG C 88 11.95 -5.04 18.42
N VAL C 89 10.66 -4.76 18.24
CA VAL C 89 10.16 -3.39 18.06
C VAL C 89 8.88 -3.28 18.89
N SER C 90 8.37 -2.07 19.09
CA SER C 90 7.13 -1.91 19.83
C SER C 90 5.97 -2.43 18.96
N CYS C 91 4.93 -2.95 19.62
CA CYS C 91 3.77 -3.48 18.90
C CYS C 91 2.47 -3.15 19.64
N MET C 92 1.36 -3.14 18.91
CA MET C 92 0.06 -2.81 19.46
C MET C 92 -1.02 -3.73 18.86
N LEU C 93 -2.02 -4.08 19.67
CA LEU C 93 -3.16 -4.89 19.25
C LEU C 93 -4.45 -4.07 19.47
N ASP C 94 -5.28 -3.94 18.43
CA ASP C 94 -6.57 -3.26 18.58
C ASP C 94 -7.62 -3.69 17.54
N SER C 95 -7.71 -5.00 17.32
CA SER C 95 -8.69 -5.57 16.41
C SER C 95 -10.10 -5.01 16.74
N ASN C 96 -10.73 -4.42 15.73
CA ASN C 96 -12.07 -3.84 15.81
C ASN C 96 -12.18 -2.74 16.88
N GLY C 97 -11.05 -2.16 17.28
CA GLY C 97 -11.07 -1.11 18.28
C GLY C 97 -11.52 -1.63 19.64
N SER C 98 -11.42 -2.95 19.85
CA SER C 98 -11.86 -3.53 21.12
C SER C 98 -11.06 -3.07 22.34
N ASN C 99 -9.74 -2.97 22.22
CA ASN C 99 -8.92 -2.51 23.35
C ASN C 99 -9.09 -1.03 23.65
N THR C 100 -9.03 -0.18 22.62
CA THR C 100 -9.14 1.27 22.87
C THR C 100 -10.55 1.67 23.32
N THR C 101 -11.55 0.92 22.87
CA THR C 101 -12.94 1.21 23.27
C THR C 101 -13.17 0.84 24.74
N ALA C 102 -12.75 -0.37 25.12
CA ALA C 102 -12.95 -0.81 26.51
C ALA C 102 -12.11 0.05 27.46
N ALA C 103 -10.87 0.35 27.08
CA ALA C 103 -10.02 1.18 27.93
C ALA C 103 -10.61 2.61 28.13
N ALA C 104 -11.14 3.21 27.06
CA ALA C 104 -11.73 4.55 27.20
C ALA C 104 -12.95 4.51 28.12
N GLY C 105 -13.81 3.50 27.92
CA GLY C 105 -15.01 3.38 28.73
C GLY C 105 -14.72 3.22 30.21
N VAL C 106 -13.84 2.28 30.56
CA VAL C 106 -13.52 2.05 31.95
C VAL C 106 -12.82 3.27 32.57
N ALA C 107 -11.91 3.90 31.83
CA ALA C 107 -11.19 5.05 32.36
C ALA C 107 -12.15 6.20 32.69
N LEU C 108 -13.13 6.45 31.81
CA LEU C 108 -14.08 7.54 32.06
C LEU C 108 -14.91 7.30 33.33
N VAL C 109 -15.40 6.07 33.47
CA VAL C 109 -16.21 5.72 34.64
C VAL C 109 -15.40 5.78 35.93
N VAL C 110 -14.17 5.27 35.91
CA VAL C 110 -13.36 5.29 37.12
C VAL C 110 -13.06 6.74 37.56
N LYS C 111 -12.77 7.62 36.61
CA LYS C 111 -12.47 9.02 36.94
C LYS C 111 -13.73 9.68 37.49
N ALA C 112 -14.87 9.41 36.88
CA ALA C 112 -16.14 9.99 37.35
C ALA C 112 -16.48 9.45 38.73
N ALA C 113 -16.00 8.26 39.06
CA ALA C 113 -16.25 7.66 40.38
C ALA C 113 -15.27 8.15 41.44
N GLY C 114 -14.50 9.18 41.12
CA GLY C 114 -13.57 9.68 42.12
C GLY C 114 -12.17 9.09 42.04
N GLY C 115 -11.92 8.27 41.03
CA GLY C 115 -10.59 7.69 40.90
C GLY C 115 -10.44 6.29 41.48
N SER C 116 -11.48 5.77 42.13
CA SER C 116 -11.41 4.43 42.71
C SER C 116 -12.74 3.70 42.66
N VAL C 117 -12.69 2.40 42.36
CA VAL C 117 -13.89 1.56 42.32
C VAL C 117 -13.63 0.29 43.14
N LYS C 118 -12.53 0.29 43.88
CA LYS C 118 -12.15 -0.84 44.70
C LYS C 118 -13.29 -1.20 45.65
N GLY C 119 -13.63 -2.49 45.69
CA GLY C 119 -14.68 -2.94 46.59
C GLY C 119 -16.11 -2.72 46.16
N LYS C 120 -16.34 -2.03 45.04
CA LYS C 120 -17.72 -1.82 44.61
C LYS C 120 -18.10 -2.82 43.53
N LYS C 121 -19.41 -3.01 43.35
CA LYS C 121 -19.90 -3.99 42.38
C LYS C 121 -20.18 -3.40 40.99
N ALA C 122 -19.57 -4.01 39.97
CA ALA C 122 -19.76 -3.59 38.58
C ALA C 122 -20.33 -4.76 37.79
N VAL C 123 -21.39 -4.50 37.03
CA VAL C 123 -22.03 -5.54 36.25
C VAL C 123 -21.87 -5.22 34.77
N VAL C 124 -21.40 -6.18 33.98
CA VAL C 124 -21.27 -5.98 32.54
C VAL C 124 -22.32 -6.82 31.79
N LEU C 125 -23.38 -6.19 31.29
CA LEU C 125 -24.45 -6.89 30.58
C LEU C 125 -23.95 -7.25 29.14
N ALA C 126 -24.31 -8.44 28.66
CA ALA C 126 -23.86 -8.96 27.34
C ALA C 126 -22.35 -8.83 27.26
N GLY C 127 -21.66 -9.16 28.36
CA GLY C 127 -20.21 -9.03 28.40
C GLY C 127 -19.38 -10.14 27.81
N THR C 128 -19.97 -10.98 26.97
CA THR C 128 -19.26 -12.10 26.38
C THR C 128 -18.51 -11.79 25.09
N GLY C 129 -18.69 -10.57 24.58
CA GLY C 129 -17.99 -10.14 23.37
C GLY C 129 -16.63 -9.58 23.75
N PRO C 130 -15.77 -9.28 22.76
CA PRO C 130 -14.45 -8.75 23.13
C PRO C 130 -14.46 -7.44 23.93
N VAL C 131 -15.40 -6.55 23.66
CA VAL C 131 -15.42 -5.29 24.38
C VAL C 131 -15.86 -5.54 25.84
N GLY C 132 -16.88 -6.38 25.99
CA GLY C 132 -17.37 -6.74 27.30
C GLY C 132 -16.30 -7.44 28.11
N MET C 133 -15.59 -8.38 27.50
CA MET C 133 -14.55 -9.10 28.22
C MET C 133 -13.36 -8.21 28.64
N ARG C 134 -12.94 -7.31 27.76
CA ARG C 134 -11.83 -6.42 28.10
C ARG C 134 -12.30 -5.43 29.18
N SER C 135 -13.55 -5.00 29.09
CA SER C 135 -14.07 -4.07 30.09
C SER C 135 -14.04 -4.76 31.48
N ALA C 136 -14.47 -6.02 31.54
CA ALA C 136 -14.50 -6.76 32.80
C ALA C 136 -13.09 -6.91 33.36
N ALA C 137 -12.13 -7.17 32.49
CA ALA C 137 -10.74 -7.34 32.92
C ALA C 137 -10.12 -6.09 33.56
N LEU C 138 -10.38 -4.91 32.97
CA LEU C 138 -9.80 -3.68 33.49
C LEU C 138 -10.47 -3.27 34.80
N LEU C 139 -11.78 -3.50 34.88
CA LEU C 139 -12.56 -3.22 36.09
C LEU C 139 -12.08 -4.13 37.24
N ALA C 140 -11.87 -5.41 36.95
CA ALA C 140 -11.38 -6.32 37.98
C ALA C 140 -9.96 -5.88 38.41
N GLY C 141 -9.17 -5.41 37.46
CA GLY C 141 -7.83 -4.95 37.80
C GLY C 141 -7.86 -3.74 38.74
N GLU C 142 -8.96 -3.00 38.73
CA GLU C 142 -9.12 -1.83 39.58
C GLU C 142 -9.66 -2.24 40.96
N GLY C 143 -9.88 -3.53 41.15
CA GLY C 143 -10.36 -4.03 42.42
C GLY C 143 -11.87 -4.08 42.58
N ALA C 144 -12.61 -3.91 41.48
CA ALA C 144 -14.07 -3.98 41.60
C ALA C 144 -14.50 -5.44 41.63
N GLU C 145 -15.73 -5.69 42.10
CA GLU C 145 -16.28 -7.05 42.11
C GLU C 145 -17.09 -7.05 40.83
N VAL C 146 -16.64 -7.86 39.85
CA VAL C 146 -17.25 -7.91 38.52
C VAL C 146 -18.10 -9.15 38.18
N VAL C 147 -19.28 -8.92 37.62
CA VAL C 147 -20.16 -10.01 37.18
C VAL C 147 -20.42 -9.85 35.66
N LEU C 148 -19.94 -10.83 34.90
CA LEU C 148 -20.07 -10.84 33.45
C LEU C 148 -21.32 -11.65 33.05
N CYS C 149 -22.31 -10.97 32.46
CA CYS C 149 -23.56 -11.62 32.08
C CYS C 149 -23.75 -11.92 30.59
N GLY C 150 -24.56 -12.93 30.32
CA GLY C 150 -24.87 -13.33 28.96
C GLY C 150 -26.13 -14.18 28.99
N ARG C 151 -26.73 -14.42 27.83
CA ARG C 151 -27.97 -15.20 27.75
C ARG C 151 -27.84 -16.67 28.12
N LYS C 152 -26.62 -17.21 28.11
CA LYS C 152 -26.35 -18.62 28.43
C LYS C 152 -25.18 -18.71 29.39
N LEU C 153 -25.35 -19.48 30.46
CA LEU C 153 -24.29 -19.61 31.45
C LEU C 153 -22.98 -20.20 30.94
N ASP C 154 -23.04 -21.23 30.09
CA ASP C 154 -21.79 -21.83 29.62
C ASP C 154 -20.90 -20.83 28.88
N LYS C 155 -21.49 -20.07 27.96
CA LYS C 155 -20.74 -19.06 27.20
C LYS C 155 -20.22 -17.95 28.11
N ALA C 156 -21.05 -17.51 29.05
CA ALA C 156 -20.64 -16.47 29.98
C ALA C 156 -19.51 -16.92 30.90
N GLN C 157 -19.55 -18.19 31.33
CA GLN C 157 -18.50 -18.71 32.19
C GLN C 157 -17.22 -18.92 31.43
N ALA C 158 -17.35 -19.30 30.17
CA ALA C 158 -16.17 -19.50 29.33
C ALA C 158 -15.47 -18.15 29.19
N ALA C 159 -16.27 -17.09 29.06
CA ALA C 159 -15.72 -15.75 28.90
C ALA C 159 -14.96 -15.31 30.16
N ALA C 160 -15.56 -15.53 31.33
CA ALA C 160 -14.91 -15.19 32.58
C ALA C 160 -13.64 -16.02 32.77
N ASP C 161 -13.69 -17.31 32.41
CA ASP C 161 -12.53 -18.17 32.53
C ASP C 161 -11.39 -17.61 31.67
N SER C 162 -11.73 -17.23 30.44
CA SER C 162 -10.73 -16.66 29.53
C SER C 162 -10.09 -15.41 30.15
N VAL C 163 -10.93 -14.46 30.56
CA VAL C 163 -10.48 -13.22 31.19
C VAL C 163 -9.63 -13.49 32.44
N ASN C 164 -10.09 -14.40 33.30
CA ASN C 164 -9.37 -14.69 34.54
C ASN C 164 -8.00 -15.28 34.29
N LYS C 165 -7.89 -16.13 33.28
CA LYS C 165 -6.62 -16.75 32.97
C LYS C 165 -5.66 -15.74 32.33
N ARG C 166 -6.19 -14.93 31.42
CA ARG C 166 -5.36 -13.94 30.74
C ARG C 166 -4.87 -12.77 31.60
N PHE C 167 -5.74 -12.25 32.46
CA PHE C 167 -5.35 -11.08 33.25
C PHE C 167 -5.12 -11.36 34.73
N LYS C 168 -5.28 -12.63 35.10
CA LYS C 168 -5.08 -13.07 36.48
C LYS C 168 -5.95 -12.30 37.44
N VAL C 169 -7.26 -12.41 37.26
CA VAL C 169 -8.22 -11.74 38.12
C VAL C 169 -9.32 -12.73 38.44
N ASN C 170 -10.36 -12.29 39.11
CA ASN C 170 -11.41 -13.23 39.46
C ASN C 170 -12.84 -12.73 39.21
N VAL C 171 -13.16 -12.59 37.93
CA VAL C 171 -14.49 -12.16 37.48
C VAL C 171 -15.45 -13.35 37.61
N THR C 172 -16.70 -13.06 37.97
N THR C 172 -16.70 -13.07 38.00
CA THR C 172 -17.74 -14.06 38.13
CA THR C 172 -17.69 -14.14 38.11
C THR C 172 -18.72 -14.02 36.95
C THR C 172 -18.66 -14.05 36.92
N ALA C 173 -19.34 -15.15 36.63
CA ALA C 173 -20.30 -15.18 35.51
C ALA C 173 -21.72 -15.43 35.96
N ALA C 174 -22.67 -14.96 35.17
CA ALA C 174 -24.07 -15.17 35.50
C ALA C 174 -24.88 -15.21 34.21
N GLU C 175 -25.94 -16.01 34.22
CA GLU C 175 -26.84 -16.14 33.08
C GLU C 175 -28.01 -15.17 33.27
N THR C 176 -28.30 -14.37 32.25
CA THR C 176 -29.42 -13.43 32.28
C THR C 176 -30.08 -13.59 30.92
N ALA C 177 -31.03 -14.52 30.87
CA ALA C 177 -31.68 -14.88 29.62
C ALA C 177 -32.76 -13.96 29.07
N ASP C 178 -33.34 -13.10 29.89
CA ASP C 178 -34.41 -12.23 29.43
C ASP C 178 -34.39 -10.86 30.14
N ASP C 179 -35.37 -10.01 29.85
CA ASP C 179 -35.42 -8.66 30.45
C ASP C 179 -35.47 -8.75 31.97
N ALA C 180 -36.35 -9.61 32.46
CA ALA C 180 -36.50 -9.80 33.88
C ALA C 180 -35.18 -10.15 34.59
N SER C 181 -34.37 -11.04 34.02
CA SER C 181 -33.11 -11.42 34.69
C SER C 181 -32.05 -10.33 34.61
N ARG C 182 -32.00 -9.61 33.50
CA ARG C 182 -31.03 -8.52 33.40
C ARG C 182 -31.39 -7.45 34.42
N ALA C 183 -32.67 -7.13 34.56
CA ALA C 183 -33.06 -6.13 35.57
C ALA C 183 -32.73 -6.61 36.99
N GLU C 184 -32.87 -7.91 37.25
CA GLU C 184 -32.56 -8.42 38.59
C GLU C 184 -31.05 -8.37 38.84
N ALA C 185 -30.27 -8.65 37.79
CA ALA C 185 -28.82 -8.66 37.94
C ALA C 185 -28.16 -7.33 38.32
N VAL C 186 -28.80 -6.20 38.04
CA VAL C 186 -28.13 -4.94 38.39
C VAL C 186 -28.57 -4.34 39.72
N LYS C 187 -29.52 -4.98 40.38
CA LYS C 187 -29.95 -4.47 41.67
C LYS C 187 -28.80 -4.56 42.66
N GLY C 188 -28.54 -3.46 43.37
CA GLY C 188 -27.43 -3.45 44.32
C GLY C 188 -26.08 -3.11 43.71
N ALA C 189 -26.02 -3.04 42.39
CA ALA C 189 -24.74 -2.72 41.74
C ALA C 189 -24.46 -1.21 41.80
N HIS C 190 -23.19 -0.84 41.74
CA HIS C 190 -22.78 0.57 41.75
C HIS C 190 -22.50 1.06 40.32
N PHE C 191 -22.03 0.15 39.46
CA PHE C 191 -21.70 0.51 38.08
C PHE C 191 -22.25 -0.54 37.10
N VAL C 192 -22.86 -0.07 36.00
CA VAL C 192 -23.40 -0.99 34.98
C VAL C 192 -22.92 -0.60 33.59
N PHE C 193 -22.38 -1.58 32.87
CA PHE C 193 -21.89 -1.40 31.50
C PHE C 193 -22.71 -2.30 30.58
N THR C 194 -23.17 -1.78 29.44
CA THR C 194 -23.90 -2.58 28.46
C THR C 194 -22.98 -2.69 27.27
N ALA C 195 -22.52 -3.91 26.99
CA ALA C 195 -21.60 -4.14 25.88
C ALA C 195 -22.23 -5.09 24.87
N GLY C 196 -23.51 -4.88 24.57
CA GLY C 196 -24.18 -5.74 23.63
C GLY C 196 -23.91 -5.50 22.16
N ALA C 197 -24.35 -6.43 21.31
CA ALA C 197 -24.17 -6.29 19.86
C ALA C 197 -24.87 -5.01 19.42
N ILE C 198 -24.50 -4.52 18.25
CA ILE C 198 -25.04 -3.27 17.77
C ILE C 198 -26.55 -3.25 17.55
N GLY C 199 -27.17 -2.14 17.92
CA GLY C 199 -28.60 -1.95 17.74
C GLY C 199 -29.56 -2.69 18.64
N LEU C 200 -29.15 -2.99 19.88
CA LEU C 200 -30.02 -3.71 20.82
C LEU C 200 -30.10 -3.04 22.17
N GLU C 201 -31.30 -3.03 22.77
CA GLU C 201 -31.43 -2.44 24.11
C GLU C 201 -31.31 -3.56 25.14
N LEU C 202 -30.45 -3.34 26.13
CA LEU C 202 -30.22 -4.33 27.20
C LEU C 202 -30.68 -3.85 28.57
N LEU C 203 -30.74 -2.54 28.77
CA LEU C 203 -31.13 -1.99 30.09
C LEU C 203 -32.16 -0.88 29.97
N PRO C 204 -33.45 -1.21 30.05
CA PRO C 204 -34.47 -0.15 29.94
C PRO C 204 -34.33 0.94 31.00
N GLN C 205 -34.81 2.12 30.66
CA GLN C 205 -34.76 3.25 31.56
C GLN C 205 -35.22 2.89 32.99
N ALA C 206 -36.40 2.31 33.09
CA ALA C 206 -36.97 1.96 34.41
C ALA C 206 -36.17 0.89 35.13
N ALA C 207 -35.27 0.22 34.43
CA ALA C 207 -34.46 -0.83 35.06
C ALA C 207 -33.22 -0.29 35.76
N TRP C 208 -32.89 0.99 35.59
CA TRP C 208 -31.73 1.54 36.29
C TRP C 208 -31.97 2.84 37.06
N GLN C 209 -32.83 3.71 36.54
CA GLN C 209 -33.07 4.99 37.22
C GLN C 209 -33.78 4.91 38.58
N ASN C 210 -34.35 3.76 38.90
CA ASN C 210 -35.05 3.56 40.18
C ASN C 210 -34.22 2.75 41.18
N GLU C 211 -32.97 2.45 40.84
CA GLU C 211 -32.09 1.67 41.72
C GLU C 211 -31.11 2.61 42.42
N SER C 212 -31.34 2.91 43.70
CA SER C 212 -30.47 3.84 44.41
C SER C 212 -28.98 3.55 44.48
N SER C 213 -28.59 2.28 44.47
CA SER C 213 -27.17 1.97 44.54
C SER C 213 -26.39 2.36 43.28
N ILE C 214 -27.05 2.37 42.13
CA ILE C 214 -26.33 2.68 40.90
C ILE C 214 -25.82 4.13 40.84
N GLU C 215 -24.51 4.25 40.62
CA GLU C 215 -23.89 5.57 40.54
C GLU C 215 -23.65 6.06 39.12
N ILE C 216 -23.04 5.20 38.29
CA ILE C 216 -22.72 5.54 36.91
C ILE C 216 -23.03 4.39 35.95
N VAL C 217 -23.55 4.69 34.76
CA VAL C 217 -23.83 3.64 33.76
C VAL C 217 -23.06 4.00 32.46
N ALA C 218 -22.71 3.01 31.65
CA ALA C 218 -21.97 3.25 30.40
C ALA C 218 -22.46 2.28 29.36
N ASP C 219 -22.58 2.76 28.11
CA ASP C 219 -23.11 1.98 27.00
C ASP C 219 -22.17 2.09 25.79
N TYR C 220 -21.84 0.95 25.19
CA TYR C 220 -20.95 0.91 24.03
C TYR C 220 -21.67 0.85 22.68
N ASN C 221 -22.98 0.65 22.72
CA ASN C 221 -23.78 0.57 21.50
C ASN C 221 -24.23 1.95 21.05
N ALA C 222 -23.79 2.36 19.85
CA ALA C 222 -24.14 3.67 19.28
C ALA C 222 -25.35 3.68 18.33
N GLN C 223 -25.89 2.51 18.03
CA GLN C 223 -27.04 2.41 17.13
C GLN C 223 -28.38 2.17 17.82
N PRO C 224 -29.32 3.11 17.66
CA PRO C 224 -30.64 2.99 18.28
C PRO C 224 -31.33 1.69 17.84
N PRO C 225 -32.01 1.00 18.77
CA PRO C 225 -32.18 1.36 20.19
C PRO C 225 -30.86 1.19 20.95
N LEU C 226 -30.49 2.21 21.69
CA LEU C 226 -29.23 2.19 22.45
C LEU C 226 -29.29 1.09 23.51
N GLY C 227 -28.12 0.65 23.95
CA GLY C 227 -28.02 -0.39 24.95
C GLY C 227 -28.72 0.01 26.24
N ILE C 228 -28.64 1.30 26.58
CA ILE C 228 -29.26 1.81 27.81
C ILE C 228 -30.36 2.80 27.46
N GLY C 229 -31.58 2.57 27.95
CA GLY C 229 -32.65 3.48 27.61
C GLY C 229 -32.63 4.75 28.46
N GLY C 230 -33.15 5.84 27.90
CA GLY C 230 -33.19 7.09 28.63
C GLY C 230 -31.97 7.98 28.56
N ILE C 231 -30.96 7.59 27.78
CA ILE C 231 -29.77 8.42 27.65
C ILE C 231 -29.55 8.76 26.20
N ASP C 232 -28.60 9.65 25.93
CA ASP C 232 -28.28 9.98 24.55
C ASP C 232 -26.87 9.46 24.28
N ALA C 233 -26.61 8.94 23.10
CA ALA C 233 -25.28 8.39 22.79
C ALA C 233 -24.15 9.38 23.08
N THR C 234 -24.42 10.70 22.98
CA THR C 234 -23.37 11.70 23.20
C THR C 234 -23.10 12.02 24.66
N ASP C 235 -23.91 11.49 25.56
CA ASP C 235 -23.70 11.77 26.98
C ASP C 235 -22.28 11.40 27.40
N LYS C 236 -21.69 12.26 28.22
CA LYS C 236 -20.36 12.03 28.74
C LYS C 236 -20.33 12.58 30.16
N GLY C 237 -20.97 11.86 31.07
CA GLY C 237 -21.04 12.33 32.46
C GLY C 237 -22.32 13.11 32.69
N LYS C 238 -23.26 13.07 31.75
CA LYS C 238 -24.51 13.78 31.93
C LYS C 238 -25.21 13.23 33.17
N GLU C 239 -25.81 14.11 33.98
CA GLU C 239 -26.47 13.67 35.21
C GLU C 239 -27.95 13.43 35.04
N TYR C 240 -28.42 12.29 35.57
CA TYR C 240 -29.83 11.93 35.54
C TYR C 240 -30.15 11.66 37.00
N GLY C 241 -30.81 12.62 37.65
CA GLY C 241 -31.11 12.46 39.05
C GLY C 241 -29.83 12.32 39.83
N GLY C 242 -29.71 11.29 40.66
CA GLY C 242 -28.46 11.17 41.39
C GLY C 242 -27.40 10.38 40.63
N LYS C 243 -27.54 10.25 39.31
CA LYS C 243 -26.61 9.44 38.52
C LYS C 243 -25.94 10.08 37.29
N ARG C 244 -24.82 9.51 36.84
CA ARG C 244 -24.03 9.99 35.68
C ARG C 244 -24.11 8.91 34.57
N ALA C 245 -24.23 9.33 33.31
CA ALA C 245 -24.28 8.41 32.19
C ALA C 245 -23.22 8.72 31.11
N PHE C 246 -22.68 7.66 30.51
CA PHE C 246 -21.71 7.81 29.41
C PHE C 246 -22.25 6.99 28.23
N GLY C 247 -22.55 7.66 27.13
CA GLY C 247 -23.06 7.00 25.94
C GLY C 247 -21.92 6.59 25.01
N ALA C 248 -22.25 5.76 24.01
CA ALA C 248 -21.25 5.25 23.08
C ALA C 248 -20.42 6.31 22.35
N LEU C 249 -21.04 7.42 21.93
CA LEU C 249 -20.27 8.48 21.23
C LEU C 249 -19.41 9.31 22.20
N GLY C 250 -19.88 9.52 23.42
CA GLY C 250 -19.09 10.25 24.40
C GLY C 250 -17.80 9.48 24.69
N ILE C 251 -17.91 8.15 24.71
CA ILE C 251 -16.77 7.27 24.97
C ILE C 251 -15.86 7.20 23.74
N GLY C 252 -16.50 7.15 22.58
CA GLY C 252 -15.75 7.10 21.33
C GLY C 252 -14.83 8.28 21.12
N GLY C 253 -15.18 9.44 21.67
CA GLY C 253 -14.33 10.61 21.50
C GLY C 253 -12.98 10.44 22.17
N LEU C 254 -12.97 9.83 23.35
CA LEU C 254 -11.71 9.57 24.04
C LEU C 254 -10.99 8.41 23.34
N LYS C 255 -11.75 7.39 22.92
N LYS C 255 -11.74 7.39 22.93
CA LYS C 255 -11.14 6.24 22.22
CA LYS C 255 -11.14 6.23 22.23
C LYS C 255 -10.28 6.71 21.04
C LYS C 255 -10.29 6.70 21.05
N LEU C 256 -10.82 7.64 20.27
CA LEU C 256 -10.11 8.18 19.11
C LEU C 256 -8.81 8.86 19.52
N LYS C 257 -8.88 9.76 20.48
CA LYS C 257 -7.65 10.45 20.95
C LYS C 257 -6.62 9.50 21.56
N LEU C 258 -7.12 8.49 22.28
CA LEU C 258 -6.29 7.48 22.93
C LEU C 258 -5.55 6.64 21.87
N HIS C 259 -6.29 6.20 20.84
CA HIS C 259 -5.70 5.39 19.76
C HIS C 259 -4.54 6.17 19.13
N ARG C 260 -4.76 7.46 18.84
CA ARG C 260 -3.71 8.31 18.27
C ARG C 260 -2.51 8.39 19.18
N ALA C 261 -2.75 8.59 20.48
CA ALA C 261 -1.64 8.72 21.42
C ALA C 261 -0.82 7.44 21.61
N CYS C 262 -1.48 6.29 21.49
CA CYS C 262 -0.81 4.99 21.60
C CYS C 262 0.18 4.78 20.45
N ILE C 263 -0.23 5.17 19.25
CA ILE C 263 0.65 5.02 18.08
C ILE C 263 1.93 5.82 18.32
N ALA C 264 1.76 7.04 18.87
CA ALA C 264 2.91 7.90 19.15
C ALA C 264 3.91 7.23 20.10
N LYS C 265 3.39 6.54 21.10
CA LYS C 265 4.23 5.83 22.06
C LYS C 265 5.08 4.73 21.45
N LEU C 266 4.56 4.08 20.39
CA LEU C 266 5.29 2.97 19.78
C LEU C 266 6.66 3.36 19.26
N PHE C 267 6.83 4.62 18.89
CA PHE C 267 8.12 5.07 18.36
C PHE C 267 9.06 5.68 19.44
N GLU C 268 8.62 5.66 20.70
CA GLU C 268 9.43 6.21 21.80
C GLU C 268 10.39 5.18 22.41
N SER C 269 10.22 3.93 22.03
CA SER C 269 11.07 2.84 22.50
C SER C 269 10.86 1.66 21.54
N SER C 270 11.69 0.64 21.66
CA SER C 270 11.56 -0.53 20.80
C SER C 270 11.08 -1.75 21.58
N GLU C 271 10.49 -1.50 22.76
CA GLU C 271 10.04 -2.59 23.61
C GLU C 271 8.59 -2.47 24.10
N GLY C 272 7.85 -1.52 23.54
CA GLY C 272 6.49 -1.35 24.00
C GLY C 272 5.56 -2.48 23.55
N VAL C 273 4.67 -2.88 24.45
CA VAL C 273 3.68 -3.90 24.13
C VAL C 273 2.32 -3.32 24.52
N PHE C 274 1.61 -2.81 23.52
CA PHE C 274 0.32 -2.20 23.79
C PHE C 274 -0.90 -3.06 23.60
N ASP C 275 -1.23 -3.79 24.67
CA ASP C 275 -2.42 -4.62 24.71
C ASP C 275 -3.33 -3.91 25.72
N ALA C 276 -4.39 -4.56 26.15
CA ALA C 276 -5.31 -3.87 27.07
C ALA C 276 -4.73 -3.14 28.28
N GLU C 277 -3.81 -3.77 29.00
CA GLU C 277 -3.29 -3.12 30.22
C GLU C 277 -2.55 -1.79 30.01
N GLU C 278 -1.64 -1.78 29.05
CA GLU C 278 -0.84 -0.58 28.76
C GLU C 278 -1.69 0.51 28.11
N ILE C 279 -2.68 0.10 27.34
CA ILE C 279 -3.55 1.06 26.68
C ILE C 279 -4.43 1.74 27.74
N TYR C 280 -4.86 0.96 28.72
CA TYR C 280 -5.69 1.49 29.81
C TYR C 280 -4.86 2.43 30.68
N LYS C 281 -3.61 2.10 30.91
CA LYS C 281 -2.76 2.98 31.69
C LYS C 281 -2.74 4.39 31.04
N LEU C 282 -2.63 4.43 29.72
CA LEU C 282 -2.59 5.71 29.00
C LEU C 282 -3.98 6.36 29.02
N ALA C 283 -5.02 5.56 28.89
CA ALA C 283 -6.38 6.10 28.92
C ALA C 283 -6.62 6.88 30.23
N LYS C 284 -6.13 6.35 31.35
CA LYS C 284 -6.32 7.03 32.64
C LYS C 284 -5.65 8.39 32.69
N GLU C 285 -4.50 8.50 32.04
CA GLU C 285 -3.76 9.74 31.99
C GLU C 285 -4.47 10.81 31.14
N MET C 286 -5.25 10.33 30.17
CA MET C 286 -5.95 11.20 29.22
C MET C 286 -7.44 11.48 29.45
N ALA C 287 -8.11 10.66 30.28
CA ALA C 287 -9.56 10.80 30.44
C ALA C 287 -10.06 12.16 30.93
PA NAP D . 19.89 -21.54 -0.68
O1A NAP D . 18.90 -21.61 0.38
O2A NAP D . 19.44 -21.50 -2.08
O5B NAP D . 20.91 -22.78 -0.43
C5B NAP D . 22.21 -22.83 -1.06
C4B NAP D . 22.60 -24.25 -1.39
O4B NAP D . 22.85 -24.94 -0.17
C3B NAP D . 21.56 -25.09 -2.08
O3B NAP D . 21.53 -24.81 -3.48
C2B NAP D . 22.08 -26.51 -1.85
O2B NAP D . 23.06 -26.95 -2.83
C1B NAP D . 22.85 -26.36 -0.51
N9A NAP D . 22.26 -27.11 0.62
C8A NAP D . 21.00 -27.04 1.20
N7A NAP D . 20.86 -27.89 2.20
C5A NAP D . 22.06 -28.55 2.27
C6A NAP D . 22.54 -29.57 3.14
N6A NAP D . 21.79 -30.08 4.10
N1A NAP D . 23.81 -30.02 2.94
C2A NAP D . 24.60 -29.50 1.96
N3A NAP D . 24.22 -28.53 1.11
C4A NAP D . 22.93 -28.09 1.33
O3 NAP D . 20.86 -20.32 -0.41
PN NAP D . 20.94 -18.77 -0.86
O1N NAP D . 21.73 -18.71 -2.10
O2N NAP D . 19.52 -18.28 -0.89
O5D NAP D . 21.54 -17.96 0.35
C5D NAP D . 22.93 -18.11 0.69
C4D NAP D . 23.17 -17.81 2.16
O4D NAP D . 23.29 -16.40 2.38
C3D NAP D . 22.07 -18.30 3.14
O3D NAP D . 22.58 -18.87 4.36
C2D NAP D . 21.22 -17.06 3.44
O2D NAP D . 20.71 -17.05 4.76
C1D NAP D . 22.23 -15.90 3.21
N1N NAP D . 21.58 -14.69 2.66
C2N NAP D . 21.49 -13.61 3.59
C3N NAP D . 20.87 -12.40 3.15
C7N NAP D . 20.72 -11.25 4.08
O7N NAP D . 20.52 -10.10 3.68
N7N NAP D . 20.83 -11.42 5.40
C4N NAP D . 20.39 -12.32 1.82
C5N NAP D . 20.47 -13.37 0.95
C6N NAP D . 21.06 -14.55 1.36
P2B NAP D . 23.05 -28.39 -3.59
O1X NAP D . 23.54 -28.19 -4.95
O2X NAP D . 23.98 -29.16 -2.73
O3X NAP D . 21.68 -28.87 -3.48
PA NAP E . -13.62 2.74 -26.57
O1A NAP E . -12.50 1.78 -26.51
O2A NAP E . -14.79 2.55 -25.76
O5B NAP E . -14.03 2.90 -28.15
C5B NAP E . -14.93 3.95 -28.60
C4B NAP E . -15.85 3.44 -29.69
O4B NAP E . -15.12 3.06 -30.86
C3B NAP E . -16.68 2.24 -29.38
O3B NAP E . -17.80 2.57 -28.53
C2B NAP E . -17.17 1.83 -30.78
O2B NAP E . -18.43 2.46 -31.17
C1B NAP E . -16.08 2.37 -31.71
N9A NAP E . -15.36 1.33 -32.51
C8A NAP E . -14.67 0.19 -32.07
N7A NAP E . -14.15 -0.49 -33.05
C5A NAP E . -14.49 0.20 -34.18
C6A NAP E . -14.23 -0.03 -35.57
N6A NAP E . -13.53 -1.08 -35.97
N1A NAP E . -14.71 0.86 -36.47
C2A NAP E . -15.42 1.93 -36.07
N3A NAP E . -15.73 2.23 -34.79
C4A NAP E . -15.22 1.32 -33.90
O3 NAP E . -13.01 4.22 -26.31
PN NAP E . -12.83 5.21 -25.08
O1N NAP E . -14.06 5.99 -25.06
O2N NAP E . -12.52 4.32 -23.89
O5D NAP E . -11.49 5.97 -25.33
C5D NAP E . -11.43 6.90 -26.44
C4D NAP E . -10.05 7.06 -27.05
O4D NAP E . -9.26 7.90 -26.24
C3D NAP E . -9.19 5.78 -27.22
O3D NAP E . -8.35 5.81 -28.39
C2D NAP E . -8.34 5.70 -25.98
O2D NAP E . -7.09 5.11 -26.17
C1D NAP E . -8.18 7.21 -25.64
N1N NAP E . -8.10 7.46 -24.18
C2N NAP E . -6.85 7.95 -23.74
C3N NAP E . -6.70 8.23 -22.33
C7N NAP E . -5.42 8.77 -21.80
O7N NAP E . -5.33 9.33 -20.69
N7N NAP E . -4.30 8.70 -22.54
C4N NAP E . -7.80 8.02 -21.48
C5N NAP E . -8.99 7.53 -21.92
C6N NAP E . -9.16 7.24 -23.27
P2B NAP E . -19.58 1.78 -32.07
O1X NAP E . -19.24 1.92 -33.52
O2X NAP E . -19.54 0.39 -31.56
O3X NAP E . -20.77 2.49 -31.64
PA NAP F . -20.52 -8.53 19.94
O1A NAP F . -21.08 -8.20 18.61
O2A NAP F . -19.44 -9.51 20.05
O5B NAP F . -21.81 -8.88 20.88
C5B NAP F . -21.68 -8.83 22.32
C4B NAP F . -22.67 -9.79 22.96
O4B NAP F . -24.00 -9.30 22.77
C3B NAP F . -22.69 -11.16 22.37
O3B NAP F . -21.56 -11.94 22.85
C2B NAP F . -23.99 -11.69 22.95
O2B NAP F . -23.85 -12.25 24.27
C1B NAP F . -24.87 -10.43 23.05
N9A NAP F . -26.03 -10.46 22.10
C8A NAP F . -26.04 -10.62 20.71
N7A NAP F . -27.25 -10.62 20.20
C5A NAP F . -28.09 -10.45 21.28
C6A NAP F . -29.52 -10.37 21.40
N6A NAP F . -30.32 -10.47 20.34
N1A NAP F . -30.06 -10.18 22.64
C2A NAP F . -29.25 -10.09 23.72
N3A NAP F . -27.91 -10.15 23.71
C4A NAP F . -27.38 -10.34 22.44
O3 NAP F . -20.03 -7.17 20.61
PN NAP F . -18.60 -6.39 20.76
O1N NAP F . -17.99 -6.87 22.00
O2N NAP F . -17.84 -6.65 19.49
O5D NAP F . -18.92 -4.86 20.67
C5D NAP F . -19.56 -4.22 21.78
C4D NAP F . -20.39 -2.99 21.37
O4D NAP F . -19.56 -1.85 21.25
C3D NAP F . -21.17 -3.08 20.04
O3D NAP F . -22.44 -2.43 20.06
C2D NAP F . -20.26 -2.43 19.03
O2D NAP F . -20.95 -1.81 17.98
C1D NAP F . -19.50 -1.39 19.90
N1N NAP F . -18.11 -1.22 19.40
C2N NAP F . -17.81 0.10 18.99
C3N NAP F . -16.47 0.33 18.48
C7N NAP F . -16.04 1.67 18.03
O7N NAP F . -14.86 1.96 17.87
N7N NAP F . -16.94 2.64 17.81
C4N NAP F . -15.57 -0.74 18.44
C5N NAP F . -15.90 -2.00 18.84
C6N NAP F . -17.17 -2.25 19.33
P2B NAP F . -24.50 -13.67 24.68
O1X NAP F . -24.63 -14.53 23.47
O2X NAP F . -23.51 -14.10 25.64
O3X NAP F . -25.79 -13.28 25.27
#